data_2JHG
#
_entry.id   2JHG
#
_cell.length_a   50.186
_cell.length_b   43.798
_cell.length_c   92.516
_cell.angle_alpha   77.12
_cell.angle_beta   87.44
_cell.angle_gamma   108.89
#
_symmetry.space_group_name_H-M   'P 1'
#
loop_
_entity.id
_entity.type
_entity.pdbx_description
1 polymer 'ALCOHOL DEHYDROGENASE E CHAIN'
2 non-polymer 'ZINC ION'
3 non-polymer NICOTINAMIDE-ADENINE-DINUCLEOTIDE
4 non-polymer 2-METHYLPROPANAMIDE
5 water water
#
_entity_poly.entity_id   1
_entity_poly.type   'polypeptide(L)'
_entity_poly.pdbx_seq_one_letter_code
;STAGKVIKCKAAVLWEEKKPFSIEEVEVAPPKAHEVRIKMVATGICRSDDHVVSGTLVTPLPVIAGHEAAGIVESIGEGV
TTVRPGDKVIPLFTPQCGKCRVCKHPEGNFCLKNDLSMPRGTMQDGTSRFTCRGKPIHHFLGTSTFSQYTVVDEISVAKI
DAASPLEKVCLIGCGFSTGYGSAVKVAKVTQGSTCAVFGLGGVGLSVIMGCKAAGAARIIGVDINKDKFAKAKEVGATEC
VNPQDYKKPIQEVLTEMSNGGVDFSFEVIGRLDTMVTALSCCQEAYGVSVIVGVPPDSQNLSMNPMLLLSGRTWKGAIFG
GFKSKDSVPKLVADFMAKKFALDPLITHVLPFEKINEGFDLLRSGESIRTILTF
;
_entity_poly.pdbx_strand_id   A,B
#
# COMPACT_ATOMS: atom_id res chain seq x y z
N SER A 1 43.91 27.14 -13.51
CA SER A 1 42.51 27.36 -13.01
C SER A 1 41.48 27.29 -14.13
N THR A 2 40.34 26.72 -13.81
CA THR A 2 39.27 26.57 -14.78
C THR A 2 38.03 27.31 -14.33
N ALA A 3 38.06 27.94 -13.16
CA ALA A 3 36.88 28.61 -12.66
C ALA A 3 36.42 29.69 -13.64
N GLY A 4 35.12 29.77 -13.86
CA GLY A 4 34.52 30.69 -14.80
C GLY A 4 34.70 30.37 -16.28
N LYS A 5 35.41 29.31 -16.58
CA LYS A 5 35.70 28.95 -17.97
C LYS A 5 34.94 27.70 -18.36
N VAL A 6 34.65 27.59 -19.62
CA VAL A 6 34.18 26.35 -20.20
C VAL A 6 35.27 25.29 -20.07
N ILE A 7 34.89 24.09 -19.65
CA ILE A 7 35.79 22.96 -19.60
C ILE A 7 35.45 22.00 -20.75
N LYS A 8 36.45 21.63 -21.55
CA LYS A 8 36.36 20.56 -22.51
C LYS A 8 36.84 19.30 -21.82
N CYS A 9 36.02 18.26 -21.86
CA CYS A 9 36.39 16.99 -21.23
C CYS A 9 35.72 15.85 -21.93
N LYS A 10 36.02 14.64 -21.54
CA LYS A 10 35.36 13.48 -22.08
C LYS A 10 34.10 13.12 -21.28
N ALA A 11 33.06 12.72 -22.01
CA ALA A 11 31.85 12.16 -21.44
C ALA A 11 31.37 11.01 -22.27
N ALA A 12 30.45 10.22 -21.69
CA ALA A 12 29.79 9.16 -22.41
C ALA A 12 28.43 9.69 -22.81
N VAL A 13 28.28 9.95 -24.11
CA VAL A 13 27.07 10.52 -24.65
C VAL A 13 26.23 9.38 -25.22
N LEU A 14 24.95 9.37 -24.90
CA LEU A 14 23.99 8.46 -25.50
C LEU A 14 23.18 9.24 -26.51
N TRP A 15 23.44 8.96 -27.80
CA TRP A 15 22.83 9.69 -28.86
C TRP A 15 21.48 9.07 -29.24
N GLU A 16 21.31 7.76 -29.02
CA GLU A 16 20.20 6.98 -29.50
C GLU A 16 19.96 5.85 -28.53
N GLU A 17 18.70 5.42 -28.39
CA GLU A 17 18.40 4.24 -27.61
C GLU A 17 19.07 3.03 -28.24
N LYS A 18 19.37 2.06 -27.40
CA LYS A 18 19.81 0.73 -27.78
C LYS A 18 21.14 0.73 -28.51
N LYS A 19 21.94 1.75 -28.27
CA LYS A 19 23.29 1.88 -28.84
C LYS A 19 24.34 2.06 -27.74
N PRO A 20 25.58 1.69 -28.04
CA PRO A 20 26.65 1.95 -27.09
C PRO A 20 26.78 3.42 -26.81
N PHE A 21 27.28 3.70 -25.63
CA PHE A 21 27.66 5.06 -25.33
C PHE A 21 28.83 5.47 -26.23
N SER A 22 28.88 6.73 -26.59
CA SER A 22 29.98 7.32 -27.32
C SER A 22 30.84 8.16 -26.39
N ILE A 23 32.09 7.74 -26.16
CA ILE A 23 33.03 8.48 -25.29
C ILE A 23 33.70 9.50 -26.16
N GLU A 24 33.37 10.75 -25.94
CA GLU A 24 33.88 11.79 -26.79
C GLU A 24 33.85 13.13 -26.02
N GLU A 25 34.47 14.12 -26.64
CA GLU A 25 34.62 15.44 -26.01
C GLU A 25 33.31 16.20 -25.93
N VAL A 26 33.06 16.76 -24.75
CA VAL A 26 31.94 17.65 -24.53
C VAL A 26 32.45 18.95 -23.96
N GLU A 27 31.66 20.00 -24.05
CA GLU A 27 31.93 21.25 -23.40
C GLU A 27 30.98 21.43 -22.25
N VAL A 28 31.55 21.73 -21.08
CA VAL A 28 30.82 21.87 -19.82
C VAL A 28 30.92 23.32 -19.39
N ALA A 29 29.78 24.00 -19.41
CA ALA A 29 29.73 25.40 -19.06
C ALA A 29 30.09 25.60 -17.59
N PRO A 30 30.53 26.79 -17.21
CA PRO A 30 30.72 27.07 -15.80
C PRO A 30 29.40 27.16 -15.07
N PRO A 31 29.44 26.98 -13.76
CA PRO A 31 28.20 27.01 -12.98
C PRO A 31 27.62 28.41 -12.86
N LYS A 32 26.31 28.49 -13.01
CA LYS A 32 25.58 29.71 -12.78
C LYS A 32 25.26 29.82 -11.29
N ALA A 33 24.46 30.81 -10.91
CA ALA A 33 24.11 30.99 -9.52
C ALA A 33 23.53 29.67 -8.96
N HIS A 34 23.98 29.32 -7.76
CA HIS A 34 23.45 28.20 -7.02
C HIS A 34 23.68 26.90 -7.77
N GLU A 35 24.76 26.82 -8.53
CA GLU A 35 25.18 25.61 -9.25
C GLU A 35 26.60 25.27 -8.85
N VAL A 36 26.94 24.01 -9.04
CA VAL A 36 28.22 23.44 -8.60
C VAL A 36 28.77 22.60 -9.72
N ARG A 37 30.05 22.86 -10.10
CA ARG A 37 30.71 22.01 -11.09
C ARG A 37 31.67 21.08 -10.39
N ILE A 38 31.55 19.81 -10.74
CA ILE A 38 32.17 18.72 -10.04
C ILE A 38 33.08 17.95 -10.99
N LYS A 39 34.31 17.72 -10.56
CA LYS A 39 35.22 16.78 -11.20
C LYS A 39 34.88 15.38 -10.68
N MET A 40 34.42 14.51 -11.58
CA MET A 40 34.02 13.22 -11.14
C MET A 40 35.21 12.35 -10.84
N VAL A 41 35.07 11.49 -9.85
CA VAL A 41 36.12 10.55 -9.47
C VAL A 41 35.73 9.13 -9.71
N ALA A 42 34.49 8.74 -9.37
CA ALA A 42 34.01 7.37 -9.59
C ALA A 42 32.53 7.41 -9.81
N THR A 43 32.05 6.50 -10.64
CA THR A 43 30.61 6.35 -10.87
C THR A 43 30.28 4.88 -11.04
N GLY A 44 29.18 4.46 -10.43
CA GLY A 44 28.71 3.14 -10.58
C GLY A 44 27.77 2.99 -11.74
N ILE A 45 27.67 1.77 -12.27
CA ILE A 45 26.71 1.40 -13.31
C ILE A 45 25.48 0.78 -12.64
N CYS A 46 24.39 1.57 -12.57
CA CYS A 46 23.14 1.14 -11.98
C CYS A 46 22.27 0.62 -13.13
N ARG A 47 21.41 -0.34 -12.84
CA ARG A 47 20.48 -0.82 -13.85
C ARG A 47 19.65 0.30 -14.43
N SER A 48 19.35 1.33 -13.66
CA SER A 48 18.55 2.44 -14.20
C SER A 48 19.25 3.17 -15.31
N ASP A 49 20.59 3.23 -15.32
CA ASP A 49 21.30 3.83 -16.44
C ASP A 49 21.09 2.98 -17.69
N ASP A 50 21.08 1.65 -17.54
CA ASP A 50 20.75 0.76 -18.64
C ASP A 50 19.31 0.92 -19.08
N HIS A 51 18.38 1.22 -18.15
CA HIS A 51 17.01 1.45 -18.54
C HIS A 51 16.90 2.66 -19.47
N VAL A 52 17.76 3.64 -19.34
CA VAL A 52 17.77 4.76 -20.26
C VAL A 52 18.13 4.26 -21.67
N VAL A 53 19.14 3.42 -21.76
CA VAL A 53 19.56 2.85 -23.05
C VAL A 53 18.43 2.05 -23.66
N SER A 54 17.75 1.24 -22.87
CA SER A 54 16.76 0.30 -23.42
C SER A 54 15.43 0.94 -23.67
N GLY A 55 15.23 2.16 -23.22
CA GLY A 55 13.94 2.86 -23.32
C GLY A 55 12.98 2.46 -22.23
N THR A 56 13.41 1.65 -21.26
CA THR A 56 12.56 1.30 -20.09
C THR A 56 12.24 2.54 -19.28
N LEU A 57 13.26 3.38 -19.06
CA LEU A 57 13.14 4.64 -18.37
C LEU A 57 13.31 5.71 -19.39
N VAL A 58 12.25 6.46 -19.62
CA VAL A 58 12.25 7.50 -20.62
C VAL A 58 12.80 8.80 -20.09
N THR A 59 13.76 9.37 -20.81
CA THR A 59 14.30 10.70 -20.50
C THR A 59 14.77 11.25 -21.86
N PRO A 60 14.73 12.55 -22.05
CA PRO A 60 15.10 13.07 -23.35
C PRO A 60 16.54 12.74 -23.75
N LEU A 61 16.69 12.42 -25.03
CA LEU A 61 18.00 12.15 -25.68
C LEU A 61 18.28 13.26 -26.66
N PRO A 62 19.53 13.48 -27.01
CA PRO A 62 20.72 12.81 -26.50
C PRO A 62 20.97 13.22 -25.05
N VAL A 63 21.66 12.38 -24.31
CA VAL A 63 21.82 12.58 -22.87
C VAL A 63 23.18 12.10 -22.41
N ILE A 64 23.63 12.74 -21.32
CA ILE A 64 24.71 12.21 -20.48
C ILE A 64 24.01 11.57 -19.26
N ALA A 65 24.00 10.26 -19.19
CA ALA A 65 23.41 9.53 -18.10
C ALA A 65 24.41 9.45 -16.95
N GLY A 66 24.15 8.52 -16.03
CA GLY A 66 24.94 8.42 -14.81
C GLY A 66 24.33 9.21 -13.69
N HIS A 67 24.15 8.53 -12.56
CA HIS A 67 23.53 9.19 -11.41
C HIS A 67 24.05 8.67 -10.06
N GLU A 68 24.94 7.67 -10.04
CA GLU A 68 25.45 7.02 -8.84
C GLU A 68 26.93 7.33 -8.83
N ALA A 69 27.39 8.34 -8.10
CA ALA A 69 28.73 8.83 -8.28
C ALA A 69 29.24 9.63 -7.09
N ALA A 70 30.53 9.92 -7.15
CA ALA A 70 31.17 10.81 -6.21
C ALA A 70 32.30 11.54 -6.91
N GLY A 71 32.54 12.76 -6.44
CA GLY A 71 33.59 13.57 -7.01
C GLY A 71 34.05 14.67 -6.10
N ILE A 72 34.75 15.64 -6.69
CA ILE A 72 35.36 16.74 -5.96
C ILE A 72 34.93 18.03 -6.62
N VAL A 73 34.46 18.98 -5.85
CA VAL A 73 34.01 20.25 -6.39
C VAL A 73 35.17 21.02 -7.04
N GLU A 74 34.98 21.36 -8.31
CA GLU A 74 35.92 22.18 -9.07
C GLU A 74 35.64 23.68 -8.85
N SER A 75 34.38 24.09 -8.88
CA SER A 75 34.03 25.49 -8.68
C SER A 75 32.55 25.59 -8.32
N ILE A 76 32.20 26.72 -7.73
CA ILE A 76 30.86 27.01 -7.32
C ILE A 76 30.38 28.30 -7.93
N GLY A 77 29.11 28.36 -8.24
CA GLY A 77 28.45 29.54 -8.71
C GLY A 77 28.13 30.47 -7.57
N GLU A 78 27.68 31.65 -7.98
CA GLU A 78 27.27 32.70 -7.06
C GLU A 78 26.24 32.16 -6.08
N GLY A 79 26.40 32.43 -4.80
CA GLY A 79 25.40 32.13 -3.84
C GLY A 79 25.46 30.76 -3.21
N VAL A 80 26.30 29.87 -3.70
CA VAL A 80 26.42 28.52 -3.13
C VAL A 80 27.02 28.63 -1.73
N THR A 81 26.40 27.98 -0.79
CA THR A 81 26.82 28.04 0.61
C THR A 81 27.11 26.68 1.24
N THR A 82 26.75 25.57 0.58
CA THR A 82 26.79 24.27 1.21
C THR A 82 27.99 23.41 0.82
N VAL A 83 28.71 23.82 -0.21
CA VAL A 83 29.94 23.15 -0.63
C VAL A 83 30.93 24.22 -1.09
N ARG A 84 32.20 23.83 -1.14
CA ARG A 84 33.28 24.70 -1.59
C ARG A 84 34.20 23.91 -2.50
N PRO A 85 34.95 24.61 -3.36
CA PRO A 85 35.96 23.94 -4.16
C PRO A 85 36.85 23.06 -3.31
N GLY A 86 37.10 21.85 -3.77
CA GLY A 86 37.88 20.88 -3.08
C GLY A 86 37.11 19.91 -2.22
N ASP A 87 35.87 20.21 -1.94
CA ASP A 87 35.06 19.29 -1.13
C ASP A 87 34.75 18.06 -1.90
N LYS A 88 34.73 16.93 -1.19
CA LYS A 88 34.16 15.68 -1.73
C LYS A 88 32.65 15.75 -1.68
N VAL A 89 32.00 15.27 -2.75
CA VAL A 89 30.57 15.38 -2.89
C VAL A 89 29.99 14.19 -3.56
N ILE A 90 28.71 13.97 -3.27
CA ILE A 90 27.89 13.01 -3.96
C ILE A 90 26.72 13.74 -4.63
N PRO A 91 26.59 13.69 -5.96
CA PRO A 91 25.40 14.24 -6.61
C PRO A 91 24.15 13.49 -6.18
N LEU A 92 23.05 14.20 -6.07
CA LEU A 92 21.79 13.70 -5.53
C LEU A 92 20.78 13.65 -6.69
N PHE A 93 20.44 12.45 -7.14
CA PHE A 93 19.48 12.30 -8.23
C PHE A 93 18.07 12.64 -7.83
N THR A 94 17.80 12.61 -6.54
CA THR A 94 16.60 13.20 -5.95
C THR A 94 17.06 14.44 -5.22
N PRO A 95 16.62 15.63 -5.60
CA PRO A 95 17.05 16.81 -4.89
C PRO A 95 16.50 16.87 -3.48
N GLN A 96 17.00 17.83 -2.71
CA GLN A 96 16.31 18.19 -1.45
C GLN A 96 16.30 19.69 -1.41
N CYS A 97 15.27 20.30 -1.95
CA CYS A 97 15.17 21.77 -1.97
C CYS A 97 14.98 22.37 -0.59
N GLY A 98 14.38 21.60 0.32
CA GLY A 98 14.13 22.04 1.65
C GLY A 98 12.91 22.90 1.82
N LYS A 99 12.24 23.28 0.73
CA LYS A 99 11.18 24.28 0.79
C LYS A 99 9.80 23.77 0.38
N CYS A 100 9.72 22.70 -0.36
CA CYS A 100 8.48 22.20 -0.88
C CYS A 100 7.77 21.38 0.19
N ARG A 101 6.51 21.07 -0.06
CA ARG A 101 5.71 20.39 0.94
C ARG A 101 6.28 18.99 1.25
N VAL A 102 6.90 18.34 0.27
CA VAL A 102 7.49 17.02 0.47
C VAL A 102 8.72 17.14 1.37
N CYS A 103 9.60 18.09 1.07
CA CYS A 103 10.80 18.27 1.85
C CYS A 103 10.47 18.63 3.28
N LYS A 104 9.37 19.33 3.50
CA LYS A 104 8.94 19.70 4.83
C LYS A 104 8.20 18.57 5.57
N HIS A 105 7.77 17.54 4.89
CA HIS A 105 7.01 16.47 5.50
C HIS A 105 7.95 15.50 6.20
N PRO A 106 7.56 14.98 7.35
CA PRO A 106 8.50 14.08 8.03
C PRO A 106 8.89 12.82 7.29
N GLU A 107 8.00 12.29 6.49
CA GLU A 107 8.27 11.03 5.84
C GLU A 107 8.70 11.23 4.39
N GLY A 108 8.32 12.31 3.77
CA GLY A 108 8.52 12.44 2.33
C GLY A 108 9.96 12.68 1.95
N ASN A 109 10.35 12.21 0.78
CA ASN A 109 11.65 12.46 0.25
C ASN A 109 11.66 12.79 -1.24
N PHE A 110 10.55 12.60 -1.96
CA PHE A 110 10.55 12.77 -3.41
C PHE A 110 10.25 14.23 -3.71
N CYS A 111 11.26 15.06 -3.49
CA CYS A 111 11.19 16.50 -3.63
C CYS A 111 10.55 16.88 -4.95
N LEU A 112 9.70 17.91 -4.89
CA LEU A 112 8.99 18.35 -6.06
C LEU A 112 9.86 18.94 -7.13
N LYS A 113 11.12 19.23 -6.83
CA LYS A 113 12.06 19.69 -7.88
C LYS A 113 12.69 18.57 -8.68
N ASN A 114 12.35 17.34 -8.39
CA ASN A 114 12.91 16.21 -9.10
C ASN A 114 12.67 16.26 -10.59
N ASP A 115 13.56 15.63 -11.33
CA ASP A 115 13.41 15.49 -12.78
C ASP A 115 13.12 14.05 -13.18
N LEU A 116 12.54 13.27 -12.26
CA LEU A 116 12.21 11.90 -12.52
C LEU A 116 10.78 11.70 -13.06
N SER A 117 9.82 12.36 -12.43
CA SER A 117 8.41 12.14 -12.78
C SER A 117 8.05 12.55 -14.16
N MET A 118 8.55 13.69 -14.57
CA MET A 118 8.28 14.18 -15.95
C MET A 118 9.54 14.79 -16.51
N PRO A 119 10.45 13.93 -16.94
CA PRO A 119 11.79 14.42 -17.15
C PRO A 119 11.92 15.42 -18.24
N ARG A 120 12.65 16.48 -17.97
CA ARG A 120 13.02 17.51 -18.91
C ARG A 120 14.48 17.33 -19.35
N GLY A 121 15.33 16.73 -18.53
CA GLY A 121 16.72 16.57 -18.90
C GLY A 121 17.48 17.87 -18.96
N THR A 122 17.22 18.72 -17.96
CA THR A 122 17.84 20.02 -17.84
C THR A 122 18.32 20.25 -16.41
N MET A 123 19.00 21.37 -16.22
CA MET A 123 19.21 21.97 -14.91
C MET A 123 17.87 22.52 -14.39
N GLN A 124 17.85 22.92 -13.13
CA GLN A 124 16.62 23.50 -12.58
C GLN A 124 16.08 24.65 -13.41
N ASP A 125 16.96 25.45 -13.98
CA ASP A 125 16.55 26.61 -14.80
C ASP A 125 16.07 26.27 -16.20
N GLY A 126 15.96 24.99 -16.56
CA GLY A 126 15.45 24.61 -17.85
C GLY A 126 16.43 24.64 -18.99
N THR A 127 17.69 24.84 -18.69
CA THR A 127 18.76 24.88 -19.69
C THR A 127 19.79 23.78 -19.40
N SER A 128 20.65 23.54 -20.37
CA SER A 128 21.70 22.55 -20.31
C SER A 128 23.09 23.20 -20.20
N ARG A 129 23.98 22.59 -19.46
CA ARG A 129 25.37 22.98 -19.36
C ARG A 129 26.29 22.22 -20.29
N PHE A 130 25.75 21.33 -21.11
CA PHE A 130 26.55 20.45 -21.96
C PHE A 130 26.32 20.73 -23.42
N THR A 131 27.41 20.75 -24.17
CA THR A 131 27.36 20.71 -25.64
C THR A 131 28.29 19.63 -26.17
N CYS A 132 27.95 19.01 -27.28
CA CYS A 132 28.78 17.98 -27.89
C CYS A 132 28.58 18.09 -29.40
N ARG A 133 29.69 18.24 -30.13
CA ARG A 133 29.65 18.49 -31.55
C ARG A 133 28.85 19.73 -31.88
N GLY A 134 28.85 20.68 -30.96
CA GLY A 134 28.11 21.92 -31.10
C GLY A 134 26.64 21.81 -30.77
N LYS A 135 26.16 20.64 -30.38
CA LYS A 135 24.75 20.39 -30.09
C LYS A 135 24.51 20.35 -28.57
N PRO A 136 23.49 21.08 -28.04
N PRO A 136 23.32 20.82 -28.15
CA PRO A 136 23.17 20.94 -26.59
CA PRO A 136 22.98 20.67 -26.76
C PRO A 136 22.71 19.51 -26.26
C PRO A 136 22.72 19.21 -26.42
N ILE A 137 23.18 18.96 -25.13
N ILE A 137 23.13 18.88 -25.20
CA ILE A 137 22.96 17.55 -24.71
C ILE A 137 22.16 17.63 -23.39
N HIS A 138 21.22 16.73 -23.23
CA HIS A 138 20.44 16.71 -22.02
C HIS A 138 21.22 16.19 -20.81
N HIS A 139 20.82 16.67 -19.64
CA HIS A 139 21.19 16.13 -18.36
C HIS A 139 20.28 14.97 -18.02
N PHE A 140 20.64 14.23 -16.98
CA PHE A 140 19.84 13.08 -16.50
C PHE A 140 19.72 13.21 -15.00
N LEU A 141 18.49 13.33 -14.53
CA LEU A 141 18.15 13.45 -13.10
C LEU A 141 18.92 14.54 -12.39
N GLY A 142 19.27 15.59 -13.11
CA GLY A 142 20.04 16.64 -12.57
C GLY A 142 21.44 16.26 -12.16
N THR A 143 21.95 15.11 -12.58
CA THR A 143 23.26 14.64 -12.14
C THR A 143 24.21 14.45 -13.29
N SER A 144 23.97 13.59 -14.24
CA SER A 144 24.83 13.37 -15.41
C SER A 144 26.28 13.09 -15.02
N THR A 145 26.47 11.93 -14.42
CA THR A 145 27.76 11.58 -13.84
C THR A 145 28.67 10.79 -14.74
N PHE A 146 28.20 10.45 -15.94
CA PHE A 146 29.04 9.80 -16.97
C PHE A 146 29.83 10.83 -17.76
N SER A 147 30.58 11.65 -17.01
CA SER A 147 31.38 12.74 -17.56
C SER A 147 32.47 13.08 -16.61
N GLN A 148 33.63 13.48 -17.14
CA GLN A 148 34.71 13.87 -16.27
C GLN A 148 34.35 15.07 -15.41
N TYR A 149 33.49 15.94 -15.94
CA TYR A 149 32.95 17.06 -15.20
C TYR A 149 31.46 17.17 -15.43
N THR A 150 30.72 17.50 -14.38
CA THR A 150 29.30 17.79 -14.49
C THR A 150 28.98 19.05 -13.72
N VAL A 151 27.80 19.61 -13.98
CA VAL A 151 27.29 20.76 -13.27
C VAL A 151 25.95 20.35 -12.69
N VAL A 152 25.74 20.59 -11.41
CA VAL A 152 24.51 20.23 -10.72
C VAL A 152 24.02 21.44 -9.95
N ASP A 153 22.71 21.49 -9.75
CA ASP A 153 22.12 22.45 -8.88
C ASP A 153 22.54 22.17 -7.44
N GLU A 154 22.66 23.20 -6.62
CA GLU A 154 23.08 23.06 -5.25
C GLU A 154 22.16 22.12 -4.46
N ILE A 155 20.85 22.15 -4.74
CA ILE A 155 19.91 21.24 -4.04
C ILE A 155 20.10 19.78 -4.42
N SER A 156 20.97 19.52 -5.42
CA SER A 156 21.27 18.19 -5.91
C SER A 156 22.73 17.79 -5.65
N VAL A 157 23.33 18.33 -4.57
CA VAL A 157 24.63 17.86 -4.18
C VAL A 157 24.78 17.89 -2.67
N ALA A 158 25.49 16.90 -2.13
CA ALA A 158 25.79 16.84 -0.69
C ALA A 158 27.28 16.75 -0.53
N LYS A 159 27.79 17.54 0.41
CA LYS A 159 29.16 17.45 0.92
C LYS A 159 29.30 16.22 1.82
N ILE A 160 30.40 15.51 1.65
CA ILE A 160 30.65 14.31 2.44
C ILE A 160 32.04 14.42 3.08
N ASP A 161 32.35 13.44 3.92
CA ASP A 161 33.59 13.44 4.67
C ASP A 161 34.78 13.55 3.75
N ALA A 162 35.71 14.43 4.09
CA ALA A 162 36.90 14.64 3.29
C ALA A 162 37.82 13.41 3.14
N ALA A 163 37.69 12.46 4.06
CA ALA A 163 38.46 11.23 3.98
C ALA A 163 37.78 10.06 3.32
N SER A 164 36.60 10.30 2.75
CA SER A 164 35.76 9.27 2.09
CA SER A 164 35.86 9.15 2.25
C SER A 164 36.46 8.63 0.93
N PRO A 165 36.39 7.29 0.75
CA PRO A 165 36.93 6.65 -0.44
C PRO A 165 35.91 6.67 -1.55
N LEU A 166 36.13 7.55 -2.49
CA LEU A 166 35.09 7.86 -3.48
C LEU A 166 34.74 6.71 -4.39
N GLU A 167 35.68 5.79 -4.59
CA GLU A 167 35.45 4.64 -5.41
C GLU A 167 34.54 3.59 -4.75
N LYS A 168 34.24 3.79 -3.47
CA LYS A 168 33.25 2.99 -2.77
C LYS A 168 31.98 3.76 -2.51
N VAL A 169 32.09 4.97 -1.95
CA VAL A 169 30.91 5.68 -1.49
C VAL A 169 30.05 6.26 -2.59
N CYS A 170 30.50 6.22 -3.83
CA CYS A 170 29.62 6.49 -4.94
C CYS A 170 28.35 5.65 -4.89
N LEU A 171 28.39 4.44 -4.34
CA LEU A 171 27.22 3.60 -4.24
C LEU A 171 26.13 4.15 -3.30
N ILE A 172 26.54 5.01 -2.36
CA ILE A 172 25.60 5.71 -1.52
C ILE A 172 24.75 6.69 -2.33
N GLY A 173 25.23 7.10 -3.49
CA GLY A 173 24.44 7.94 -4.35
C GLY A 173 23.27 7.27 -5.03
N CYS A 174 23.20 5.95 -5.02
CA CYS A 174 21.97 5.33 -5.51
C CYS A 174 21.74 3.96 -4.91
N GLY A 175 22.44 2.94 -5.38
CA GLY A 175 21.97 1.56 -5.17
C GLY A 175 21.99 1.13 -3.72
N PHE A 176 23.08 1.43 -2.99
CA PHE A 176 23.12 1.01 -1.59
C PHE A 176 22.00 1.67 -0.80
N SER A 177 21.93 2.99 -0.88
CA SER A 177 21.00 3.74 -0.05
C SER A 177 19.57 3.35 -0.37
N THR A 178 19.29 3.16 -1.65
CA THR A 178 17.97 2.76 -2.07
C THR A 178 17.59 1.45 -1.40
N GLY A 179 18.44 0.43 -1.56
CA GLY A 179 18.04 -0.88 -1.05
C GLY A 179 17.96 -0.88 0.47
N TYR A 180 18.98 -0.32 1.08
CA TYR A 180 19.05 -0.28 2.54
C TYR A 180 17.87 0.44 3.15
N GLY A 181 17.58 1.64 2.66
CA GLY A 181 16.47 2.42 3.15
C GLY A 181 15.13 1.76 2.85
N SER A 182 14.99 1.09 1.71
CA SER A 182 13.75 0.41 1.41
C SER A 182 13.41 -0.53 2.55
N ALA A 183 14.42 -1.20 3.11
CA ALA A 183 14.18 -2.12 4.24
C ALA A 183 14.01 -1.38 5.56
N VAL A 184 14.94 -0.51 5.92
CA VAL A 184 14.97 0.03 7.26
C VAL A 184 14.06 1.21 7.46
N LYS A 185 13.76 1.97 6.42
CA LYS A 185 12.96 3.18 6.48
C LYS A 185 11.59 3.03 5.88
N VAL A 186 11.47 2.43 4.71
CA VAL A 186 10.20 2.38 3.99
C VAL A 186 9.40 1.22 4.55
N ALA A 187 9.93 0.00 4.50
CA ALA A 187 9.21 -1.15 5.07
C ALA A 187 9.21 -1.13 6.59
N LYS A 188 10.31 -0.68 7.15
CA LYS A 188 10.50 -0.75 8.63
C LYS A 188 10.45 -2.20 9.09
N VAL A 189 11.34 -3.00 8.51
CA VAL A 189 11.43 -4.41 8.82
C VAL A 189 11.66 -4.52 10.33
N THR A 190 10.99 -5.53 10.93
CA THR A 190 11.03 -5.77 12.36
C THR A 190 11.92 -6.95 12.69
N GLN A 191 12.39 -6.93 13.95
CA GLN A 191 13.21 -8.01 14.46
C GLN A 191 12.41 -9.32 14.43
N GLY A 192 13.05 -10.38 13.98
CA GLY A 192 12.44 -11.70 13.96
C GLY A 192 11.55 -11.98 12.79
N SER A 193 11.41 -11.02 11.86
CA SER A 193 10.49 -11.21 10.72
C SER A 193 11.07 -12.03 9.62
N THR A 194 10.18 -12.39 8.70
CA THR A 194 10.53 -13.10 7.48
C THR A 194 10.35 -12.16 6.30
N CYS A 195 11.42 -11.98 5.52
CA CYS A 195 11.47 -11.09 4.38
C CYS A 195 11.71 -11.92 3.11
N ALA A 196 11.17 -11.44 1.99
CA ALA A 196 11.47 -11.97 0.68
C ALA A 196 11.96 -10.83 -0.18
N VAL A 197 13.08 -11.02 -0.86
CA VAL A 197 13.69 -9.99 -1.70
C VAL A 197 13.76 -10.54 -3.13
N PHE A 198 13.03 -9.88 -4.05
CA PHE A 198 13.00 -10.27 -5.43
C PHE A 198 13.99 -9.45 -6.20
N GLY A 199 15.01 -10.09 -6.72
CA GLY A 199 16.10 -9.45 -7.43
C GLY A 199 17.29 -9.26 -6.54
N LEU A 200 18.42 -9.86 -6.96
CA LEU A 200 19.63 -9.94 -6.17
C LEU A 200 20.80 -9.24 -6.80
N GLY A 201 20.50 -8.12 -7.46
CA GLY A 201 21.52 -7.20 -7.91
C GLY A 201 21.99 -6.27 -6.83
N GLY A 202 22.69 -5.19 -7.18
CA GLY A 202 23.24 -4.32 -6.17
C GLY A 202 22.17 -3.81 -5.25
N VAL A 203 21.01 -3.41 -5.79
CA VAL A 203 19.95 -2.86 -4.96
C VAL A 203 19.34 -3.93 -4.05
N GLY A 204 19.05 -5.09 -4.59
CA GLY A 204 18.51 -6.19 -3.79
C GLY A 204 19.45 -6.65 -2.71
N LEU A 205 20.73 -6.75 -3.02
CA LEU A 205 21.71 -7.05 -1.97
C LEU A 205 21.70 -6.05 -0.86
N SER A 206 21.49 -4.78 -1.23
CA SER A 206 21.40 -3.74 -0.25
C SER A 206 20.13 -3.79 0.61
N VAL A 207 19.01 -4.21 0.00
CA VAL A 207 17.80 -4.56 0.75
C VAL A 207 18.12 -5.65 1.76
N ILE A 208 18.81 -6.72 1.32
CA ILE A 208 19.18 -7.77 2.27
C ILE A 208 20.00 -7.21 3.41
N MET A 209 20.99 -6.40 3.11
CA MET A 209 21.75 -5.78 4.20
C MET A 209 20.86 -5.06 5.15
N GLY A 210 19.88 -4.34 4.67
CA GLY A 210 18.98 -3.61 5.56
C GLY A 210 18.08 -4.52 6.38
N CYS A 211 17.59 -5.58 5.76
CA CYS A 211 16.80 -6.58 6.51
C CYS A 211 17.61 -7.26 7.60
N LYS A 212 18.85 -7.57 7.31
CA LYS A 212 19.76 -8.12 8.33
C LYS A 212 19.99 -7.13 9.44
N ALA A 213 20.24 -5.89 9.10
CA ALA A 213 20.44 -4.83 10.12
C ALA A 213 19.22 -4.66 11.01
N ALA A 214 18.05 -4.87 10.45
CA ALA A 214 16.81 -4.75 11.15
C ALA A 214 16.51 -5.99 12.01
N GLY A 215 17.32 -7.01 11.91
CA GLY A 215 17.14 -8.18 12.72
C GLY A 215 16.19 -9.22 12.19
N ALA A 216 15.89 -9.20 10.89
CA ALA A 216 15.06 -10.25 10.32
C ALA A 216 15.60 -11.62 10.67
N ALA A 217 14.70 -12.57 10.94
CA ALA A 217 15.10 -13.95 11.18
C ALA A 217 15.34 -14.74 9.92
N ARG A 218 14.57 -14.46 8.86
CA ARG A 218 14.64 -15.17 7.60
C ARG A 218 14.63 -14.12 6.50
N ILE A 219 15.52 -14.28 5.55
CA ILE A 219 15.60 -13.39 4.38
C ILE A 219 15.74 -14.28 3.17
N ILE A 220 14.69 -14.38 2.39
CA ILE A 220 14.61 -15.29 1.26
C ILE A 220 14.90 -14.48 0.00
N GLY A 221 16.03 -14.80 -0.62
CA GLY A 221 16.37 -14.17 -1.88
C GLY A 221 15.72 -14.88 -3.04
N VAL A 222 15.22 -14.14 -4.02
CA VAL A 222 14.54 -14.69 -5.17
C VAL A 222 15.19 -14.12 -6.42
N ASP A 223 15.69 -14.96 -7.29
CA ASP A 223 16.31 -14.52 -8.54
C ASP A 223 16.24 -15.67 -9.51
N ILE A 224 16.05 -15.37 -10.80
CA ILE A 224 16.14 -16.38 -11.85
C ILE A 224 17.55 -16.72 -12.25
N ASN A 225 18.54 -15.97 -11.79
CA ASN A 225 19.94 -16.23 -12.05
C ASN A 225 20.57 -16.77 -10.75
N LYS A 226 20.73 -18.10 -10.68
CA LYS A 226 21.24 -18.74 -9.48
C LYS A 226 22.66 -18.35 -9.21
N ASP A 227 23.39 -17.79 -10.18
CA ASP A 227 24.71 -17.29 -9.87
C ASP A 227 24.73 -16.15 -8.87
N LYS A 228 23.57 -15.51 -8.63
CA LYS A 228 23.45 -14.42 -7.68
C LYS A 228 23.31 -14.90 -6.26
N PHE A 229 23.07 -16.20 -6.03
CA PHE A 229 22.75 -16.70 -4.69
C PHE A 229 23.88 -16.67 -3.71
N ALA A 230 25.09 -16.98 -4.15
CA ALA A 230 26.19 -17.06 -3.21
C ALA A 230 26.42 -15.72 -2.50
N LYS A 231 26.45 -14.63 -3.27
CA LYS A 231 26.67 -13.33 -2.65
C LYS A 231 25.48 -12.93 -1.81
N ALA A 232 24.28 -13.25 -2.24
CA ALA A 232 23.10 -12.95 -1.43
C ALA A 232 23.21 -13.57 -0.04
N LYS A 233 23.62 -14.84 0.01
CA LYS A 233 23.84 -15.51 1.31
C LYS A 233 24.96 -14.86 2.11
N GLU A 234 26.04 -14.46 1.43
CA GLU A 234 27.13 -13.79 2.11
C GLU A 234 26.69 -12.56 2.86
N VAL A 235 25.75 -11.80 2.27
CA VAL A 235 25.32 -10.56 2.89
C VAL A 235 24.09 -10.71 3.75
N GLY A 236 23.53 -11.91 3.86
CA GLY A 236 22.50 -12.11 4.86
C GLY A 236 21.34 -12.98 4.48
N ALA A 237 21.17 -13.37 3.21
CA ALA A 237 20.05 -14.25 2.85
C ALA A 237 20.19 -15.56 3.58
N THR A 238 19.10 -16.06 4.11
CA THR A 238 19.09 -17.35 4.78
C THR A 238 18.75 -18.50 3.85
N GLU A 239 18.15 -18.21 2.70
CA GLU A 239 17.74 -19.13 1.72
C GLU A 239 17.59 -18.35 0.42
N CYS A 240 17.72 -19.05 -0.70
CA CYS A 240 17.48 -18.48 -2.02
C CYS A 240 16.70 -19.44 -2.87
N VAL A 241 15.79 -18.88 -3.68
CA VAL A 241 14.95 -19.64 -4.53
C VAL A 241 14.92 -19.06 -5.93
N ASN A 242 14.91 -19.95 -6.90
CA ASN A 242 14.83 -19.61 -8.32
C ASN A 242 13.46 -19.98 -8.82
N PRO A 243 12.62 -19.04 -9.18
CA PRO A 243 11.29 -19.37 -9.67
C PRO A 243 11.25 -20.39 -10.78
N GLN A 244 12.30 -20.42 -11.58
CA GLN A 244 12.37 -21.35 -12.72
C GLN A 244 12.46 -22.80 -12.31
N ASP A 245 12.81 -23.04 -11.06
CA ASP A 245 12.98 -24.40 -10.53
C ASP A 245 11.66 -25.03 -10.11
N TYR A 246 10.58 -24.27 -10.06
CA TYR A 246 9.34 -24.71 -9.48
C TYR A 246 8.25 -24.84 -10.49
N LYS A 247 7.42 -25.84 -10.26
CA LYS A 247 6.22 -25.99 -11.08
C LYS A 247 5.05 -25.12 -10.64
N LYS A 248 5.10 -24.53 -9.46
CA LYS A 248 4.05 -23.66 -8.98
C LYS A 248 4.54 -22.20 -9.04
N PRO A 249 3.62 -21.23 -9.09
CA PRO A 249 4.05 -19.85 -9.03
C PRO A 249 4.79 -19.53 -7.73
N ILE A 250 5.78 -18.64 -7.77
CA ILE A 250 6.66 -18.46 -6.63
C ILE A 250 5.91 -17.83 -5.47
N GLN A 251 4.80 -17.10 -5.73
CA GLN A 251 4.06 -16.57 -4.58
C GLN A 251 3.53 -17.71 -3.73
N GLU A 252 3.11 -18.80 -4.36
CA GLU A 252 2.61 -19.96 -3.65
C GLU A 252 3.73 -20.63 -2.90
N VAL A 253 4.88 -20.80 -3.55
CA VAL A 253 6.06 -21.37 -2.92
C VAL A 253 6.45 -20.57 -1.68
N LEU A 254 6.52 -19.26 -1.82
CA LEU A 254 6.94 -18.40 -0.72
C LEU A 254 5.92 -18.39 0.41
N THR A 255 4.63 -18.47 0.07
CA THR A 255 3.61 -18.51 1.12
C THR A 255 3.75 -19.80 1.95
N GLU A 256 4.03 -20.92 1.25
CA GLU A 256 4.22 -22.19 1.91
C GLU A 256 5.45 -22.14 2.80
N MET A 257 6.54 -21.61 2.24
CA MET A 257 7.79 -21.59 2.96
C MET A 257 7.70 -20.79 4.24
N SER A 258 6.88 -19.71 4.21
CA SER A 258 6.71 -18.82 5.33
C SER A 258 5.48 -19.13 6.16
N ASN A 259 4.93 -20.33 5.99
CA ASN A 259 3.81 -20.76 6.80
C ASN A 259 2.67 -19.76 6.78
N GLY A 260 2.35 -19.27 5.57
CA GLY A 260 1.20 -18.42 5.38
C GLY A 260 1.45 -17.03 4.81
N GLY A 261 2.68 -16.75 4.40
CA GLY A 261 3.03 -15.46 3.78
C GLY A 261 4.12 -14.76 4.56
N VAL A 262 4.92 -13.97 3.87
CA VAL A 262 6.04 -13.29 4.52
C VAL A 262 5.59 -11.99 5.20
N ASP A 263 6.37 -11.49 6.12
CA ASP A 263 6.10 -10.24 6.78
C ASP A 263 6.37 -9.04 5.84
N PHE A 264 7.45 -9.10 5.09
CA PHE A 264 7.90 -8.01 4.23
C PHE A 264 8.40 -8.60 2.93
N SER A 265 7.96 -8.06 1.82
CA SER A 265 8.51 -8.42 0.53
C SER A 265 8.95 -7.15 -0.22
N PHE A 266 9.90 -7.35 -1.12
CA PHE A 266 10.49 -6.26 -1.87
C PHE A 266 10.62 -6.66 -3.32
N GLU A 267 10.14 -5.82 -4.23
CA GLU A 267 10.35 -6.05 -5.66
C GLU A 267 11.53 -5.17 -6.05
N VAL A 268 12.61 -5.78 -6.46
CA VAL A 268 13.85 -5.08 -6.74
C VAL A 268 14.40 -5.51 -8.11
N ILE A 269 13.46 -5.56 -9.05
CA ILE A 269 13.72 -6.01 -10.41
C ILE A 269 13.28 -4.95 -11.41
N GLY A 270 12.00 -4.67 -11.42
CA GLY A 270 11.39 -3.80 -12.43
C GLY A 270 10.48 -4.52 -13.37
N ARG A 271 9.68 -5.47 -12.92
CA ARG A 271 8.75 -6.18 -13.82
C ARG A 271 7.36 -6.06 -13.16
N LEU A 272 6.35 -5.81 -13.98
CA LEU A 272 5.00 -5.77 -13.50
C LEU A 272 4.60 -7.08 -12.84
N ASP A 273 4.94 -8.21 -13.45
CA ASP A 273 4.51 -9.47 -12.90
C ASP A 273 5.11 -9.71 -11.51
N THR A 274 6.38 -9.41 -11.31
CA THR A 274 7.01 -9.64 -10.02
C THR A 274 6.52 -8.63 -8.99
N MET A 275 6.05 -7.46 -9.41
CA MET A 275 5.43 -6.57 -8.44
C MET A 275 4.17 -7.21 -7.86
N VAL A 276 3.35 -7.79 -8.69
CA VAL A 276 2.11 -8.46 -8.23
C VAL A 276 2.44 -9.72 -7.42
N THR A 277 3.42 -10.50 -7.88
CA THR A 277 3.85 -11.68 -7.14
C THR A 277 4.39 -11.31 -5.76
N ALA A 278 5.21 -10.28 -5.70
CA ALA A 278 5.77 -9.86 -4.42
C ALA A 278 4.68 -9.41 -3.47
N LEU A 279 3.69 -8.70 -3.98
CA LEU A 279 2.58 -8.31 -3.10
C LEU A 279 1.88 -9.56 -2.60
N SER A 280 1.56 -10.47 -3.51
CA SER A 280 0.79 -11.66 -3.14
C SER A 280 1.48 -12.51 -2.10
N CYS A 281 2.82 -12.60 -2.13
CA CYS A 281 3.54 -13.45 -1.20
C CYS A 281 3.64 -12.96 0.21
N CYS A 282 3.32 -11.69 0.44
CA CYS A 282 3.26 -11.23 1.84
CA CYS A 282 3.21 -11.16 1.79
C CYS A 282 1.92 -11.65 2.45
N GLN A 283 1.95 -11.80 3.77
CA GLN A 283 0.81 -12.33 4.50
C GLN A 283 -0.40 -11.43 4.25
N GLU A 284 -1.54 -12.05 4.00
CA GLU A 284 -2.68 -11.28 3.49
C GLU A 284 -3.27 -10.27 4.44
N ALA A 285 -3.13 -10.49 5.72
CA ALA A 285 -3.69 -9.63 6.74
C ALA A 285 -2.77 -8.55 7.27
N TYR A 286 -1.47 -8.77 7.28
CA TYR A 286 -0.54 -7.81 7.90
C TYR A 286 0.76 -7.64 7.14
N GLY A 287 0.88 -8.26 5.99
CA GLY A 287 2.10 -8.17 5.18
C GLY A 287 2.28 -6.80 4.58
N VAL A 288 3.52 -6.51 4.27
CA VAL A 288 3.90 -5.24 3.62
C VAL A 288 4.77 -5.60 2.41
N SER A 289 4.52 -4.97 1.28
CA SER A 289 5.34 -5.17 0.08
C SER A 289 5.77 -3.79 -0.42
N VAL A 290 7.06 -3.69 -0.74
CA VAL A 290 7.65 -2.46 -1.23
C VAL A 290 8.17 -2.66 -2.63
N ILE A 291 7.68 -1.81 -3.55
CA ILE A 291 8.20 -1.74 -4.91
C ILE A 291 9.38 -0.81 -4.94
N VAL A 292 10.50 -1.37 -5.39
CA VAL A 292 11.76 -0.64 -5.59
C VAL A 292 12.09 -0.62 -7.09
N GLY A 293 11.85 -1.67 -7.82
CA GLY A 293 12.23 -1.70 -9.23
C GLY A 293 11.51 -0.68 -10.08
N VAL A 294 12.25 -0.19 -11.09
N VAL A 294 12.13 -0.32 -11.20
CA VAL A 294 11.74 0.74 -12.06
CA VAL A 294 11.51 0.54 -12.20
C VAL A 294 11.17 -0.06 -13.21
C VAL A 294 11.02 -0.31 -13.43
N PRO A 295 9.71 -0.37 -13.72
N PRO A 295 9.90 0.08 -13.42
CA PRO A 295 9.22 -1.15 -14.85
CA PRO A 295 9.34 -0.68 -14.49
C PRO A 295 9.15 -0.29 -16.09
C PRO A 295 9.18 0.09 -15.71
N PRO A 296 8.93 -0.95 -17.24
N PRO A 296 8.60 -0.58 -16.67
CA PRO A 296 8.89 -0.24 -18.50
CA PRO A 296 8.62 -0.10 -18.02
C PRO A 296 7.88 0.90 -18.48
C PRO A 296 7.70 1.06 -18.24
N ASP A 297 8.32 2.04 -19.03
N ASP A 297 8.21 2.02 -18.99
CA ASP A 297 7.54 3.28 -19.13
C ASP A 297 6.13 3.08 -19.58
N SER A 298 5.22 3.72 -18.85
CA SER A 298 3.83 3.89 -19.23
C SER A 298 3.03 2.63 -19.23
N GLN A 299 3.53 1.51 -18.70
CA GLN A 299 2.80 0.25 -18.64
C GLN A 299 2.08 0.05 -17.33
N ASN A 300 0.86 -0.40 -17.40
CA ASN A 300 0.06 -0.69 -16.23
C ASN A 300 0.11 -2.16 -15.89
N LEU A 301 0.07 -2.42 -14.59
CA LEU A 301 -0.11 -3.78 -14.07
C LEU A 301 -1.59 -4.02 -13.85
N SER A 302 -1.92 -5.31 -13.69
CA SER A 302 -3.28 -5.75 -13.44
C SER A 302 -3.26 -6.52 -12.12
N MET A 303 -4.14 -6.19 -11.18
CA MET A 303 -4.18 -6.92 -9.91
C MET A 303 -5.59 -6.92 -9.36
N ASN A 304 -5.83 -7.91 -8.51
CA ASN A 304 -7.12 -8.02 -7.85
C ASN A 304 -7.04 -7.28 -6.48
N PRO A 305 -7.87 -6.26 -6.27
CA PRO A 305 -7.77 -5.47 -5.03
C PRO A 305 -8.13 -6.24 -3.79
N MET A 306 -8.69 -7.43 -3.90
CA MET A 306 -8.84 -8.27 -2.72
C MET A 306 -7.51 -8.56 -2.03
N LEU A 307 -6.41 -8.47 -2.77
CA LEU A 307 -5.11 -8.64 -2.14
C LEU A 307 -4.87 -7.57 -1.09
N LEU A 308 -5.38 -6.35 -1.32
CA LEU A 308 -5.27 -5.26 -0.37
C LEU A 308 -6.37 -5.26 0.69
N LEU A 309 -7.59 -5.61 0.29
CA LEU A 309 -8.72 -5.50 1.20
C LEU A 309 -8.52 -6.40 2.41
N SER A 310 -7.84 -7.55 2.27
CA SER A 310 -7.58 -8.40 3.43
C SER A 310 -6.67 -7.78 4.48
N GLY A 311 -5.88 -6.78 4.12
CA GLY A 311 -5.02 -6.13 5.07
C GLY A 311 -3.62 -5.81 4.62
N ARG A 312 -3.22 -6.23 3.44
CA ARG A 312 -1.85 -5.93 2.97
C ARG A 312 -1.65 -4.46 2.77
N THR A 313 -0.38 -4.07 2.88
CA THR A 313 0.07 -2.73 2.58
C THR A 313 1.04 -2.82 1.42
N TRP A 314 0.85 -1.95 0.44
CA TRP A 314 1.68 -1.90 -0.78
C TRP A 314 2.22 -0.49 -0.88
N LYS A 315 3.52 -0.35 -0.99
CA LYS A 315 4.11 0.97 -1.09
C LYS A 315 5.29 0.91 -2.04
N GLY A 316 5.73 2.05 -2.48
CA GLY A 316 6.99 2.11 -3.24
C GLY A 316 7.79 3.29 -2.70
N ALA A 317 9.02 3.43 -3.19
CA ALA A 317 9.82 4.59 -2.81
C ALA A 317 10.96 4.77 -3.79
N ILE A 318 11.39 6.03 -3.83
CA ILE A 318 12.61 6.43 -4.51
C ILE A 318 13.70 6.62 -3.48
N PHE A 319 14.90 6.12 -3.75
CA PHE A 319 16.08 6.35 -2.93
C PHE A 319 15.85 5.90 -1.51
N GLY A 320 15.15 4.79 -1.32
CA GLY A 320 15.04 4.19 0.00
C GLY A 320 14.29 5.07 0.97
N GLY A 321 13.53 6.04 0.48
CA GLY A 321 12.87 6.97 1.36
C GLY A 321 13.70 8.05 2.00
N PHE A 322 15.00 8.07 1.74
CA PHE A 322 15.88 9.01 2.41
C PHE A 322 15.75 10.43 1.84
N LYS A 323 15.60 11.42 2.69
CA LYS A 323 15.79 12.82 2.32
C LYS A 323 17.24 12.96 1.92
N SER A 324 17.49 13.31 0.68
CA SER A 324 18.77 12.98 0.08
C SER A 324 19.94 13.77 0.69
N LYS A 325 19.79 15.09 0.79
CA LYS A 325 20.91 15.93 1.22
C LYS A 325 21.17 15.75 2.71
N ASP A 326 20.11 15.52 3.48
CA ASP A 326 20.33 15.26 4.90
C ASP A 326 21.01 13.88 5.07
N SER A 327 20.58 12.89 4.30
CA SER A 327 20.95 11.51 4.57
C SER A 327 22.27 11.09 4.03
N VAL A 328 22.63 11.54 2.83
CA VAL A 328 23.85 11.05 2.20
C VAL A 328 25.09 11.24 3.07
N PRO A 329 25.31 12.41 3.66
CA PRO A 329 26.52 12.57 4.48
C PRO A 329 26.52 11.67 5.71
N LYS A 330 25.35 11.43 6.27
CA LYS A 330 25.22 10.54 7.42
C LYS A 330 25.50 9.10 7.03
N LEU A 331 25.02 8.69 5.86
CA LEU A 331 25.29 7.36 5.36
C LEU A 331 26.79 7.17 5.11
N VAL A 332 27.44 8.18 4.54
CA VAL A 332 28.88 8.09 4.37
C VAL A 332 29.58 7.99 5.73
N ALA A 333 29.14 8.76 6.72
CA ALA A 333 29.77 8.66 8.06
C ALA A 333 29.58 7.28 8.63
N ASP A 334 28.40 6.70 8.45
CA ASP A 334 28.14 5.35 8.92
C ASP A 334 29.04 4.33 8.22
N PHE A 335 29.23 4.50 6.91
CA PHE A 335 30.14 3.63 6.18
C PHE A 335 31.56 3.73 6.74
N MET A 336 32.00 4.95 7.00
CA MET A 336 33.36 5.16 7.51
C MET A 336 33.51 4.53 8.89
N ALA A 337 32.44 4.41 9.64
CA ALA A 337 32.40 3.76 10.97
C ALA A 337 32.05 2.28 10.87
N LYS A 338 32.04 1.72 9.67
CA LYS A 338 31.89 0.31 9.40
C LYS A 338 30.52 -0.23 9.80
N LYS A 339 29.49 0.61 9.67
CA LYS A 339 28.15 0.17 10.01
C LYS A 339 27.49 -0.69 8.95
N PHE A 340 27.98 -0.61 7.72
CA PHE A 340 27.53 -1.47 6.64
C PHE A 340 28.73 -1.60 5.72
N ALA A 341 28.63 -2.50 4.76
CA ALA A 341 29.70 -2.84 3.81
C ALA A 341 29.29 -2.51 2.40
N LEU A 342 30.23 -1.94 1.65
CA LEU A 342 30.03 -1.70 0.23
C LEU A 342 30.82 -2.62 -0.64
N ASP A 343 31.97 -3.12 -0.17
CA ASP A 343 32.78 -4.04 -0.97
C ASP A 343 31.98 -5.23 -1.56
N PRO A 344 31.05 -5.83 -0.81
CA PRO A 344 30.33 -6.94 -1.39
C PRO A 344 29.55 -6.60 -2.64
N LEU A 345 29.23 -5.33 -2.86
CA LEU A 345 28.50 -4.92 -4.05
C LEU A 345 29.40 -4.73 -5.25
N ILE A 346 30.67 -4.52 -5.01
CA ILE A 346 31.62 -4.11 -6.07
C ILE A 346 32.29 -5.36 -6.60
N THR A 347 31.90 -5.79 -7.79
CA THR A 347 32.40 -7.03 -8.37
C THR A 347 33.42 -6.74 -9.45
N HIS A 348 33.44 -5.53 -10.02
CA HIS A 348 34.28 -5.19 -11.15
C HIS A 348 34.66 -3.73 -11.03
N VAL A 349 35.87 -3.42 -11.48
CA VAL A 349 36.33 -2.09 -11.59
C VAL A 349 36.89 -1.89 -12.98
N LEU A 350 36.58 -0.75 -13.58
CA LEU A 350 37.07 -0.41 -14.90
C LEU A 350 37.36 1.07 -14.99
N PRO A 351 38.23 1.46 -15.89
CA PRO A 351 38.33 2.87 -16.17
C PRO A 351 37.07 3.35 -16.88
N PHE A 352 36.73 4.62 -16.73
CA PHE A 352 35.59 5.21 -17.39
C PHE A 352 35.55 4.92 -18.89
N GLU A 353 36.71 4.92 -19.53
CA GLU A 353 36.76 4.71 -20.99
C GLU A 353 36.21 3.36 -21.40
N LYS A 354 36.13 2.41 -20.47
CA LYS A 354 35.60 1.09 -20.72
C LYS A 354 34.14 0.96 -20.22
N ILE A 355 33.42 2.08 -20.19
CA ILE A 355 32.02 2.08 -19.83
C ILE A 355 31.18 1.05 -20.57
N ASN A 356 31.38 0.91 -21.88
CA ASN A 356 30.55 -0.04 -22.61
C ASN A 356 30.79 -1.50 -22.15
N GLU A 357 32.03 -1.86 -21.85
CA GLU A 357 32.29 -3.16 -21.27
C GLU A 357 31.56 -3.28 -19.92
N GLY A 358 31.52 -2.21 -19.13
CA GLY A 358 30.80 -2.29 -17.86
C GLY A 358 29.34 -2.56 -18.03
N PHE A 359 28.74 -1.95 -19.07
CA PHE A 359 27.32 -2.25 -19.37
C PHE A 359 27.15 -3.67 -19.90
N ASP A 360 28.11 -4.14 -20.66
CA ASP A 360 28.06 -5.52 -21.08
C ASP A 360 28.09 -6.49 -19.91
N LEU A 361 28.92 -6.21 -18.93
CA LEU A 361 29.01 -7.03 -17.72
C LEU A 361 27.66 -7.07 -17.00
N LEU A 362 27.00 -5.92 -16.91
CA LEU A 362 25.69 -5.88 -16.25
C LEU A 362 24.70 -6.70 -17.03
N ARG A 363 24.65 -6.47 -18.33
CA ARG A 363 23.64 -7.12 -19.17
C ARG A 363 23.82 -8.62 -19.25
N SER A 364 25.04 -9.11 -19.14
CA SER A 364 25.32 -10.52 -19.17
C SER A 364 24.95 -11.25 -17.91
N GLY A 365 24.64 -10.54 -16.85
CA GLY A 365 24.40 -11.14 -15.56
C GLY A 365 25.61 -11.33 -14.69
N GLU A 366 26.81 -10.99 -15.21
CA GLU A 366 28.03 -11.28 -14.49
C GLU A 366 28.35 -10.34 -13.34
N SER A 367 27.97 -9.07 -13.39
CA SER A 367 28.34 -8.10 -12.40
C SER A 367 27.19 -7.82 -11.47
N ILE A 368 27.58 -7.28 -10.32
CA ILE A 368 26.67 -6.55 -9.43
C ILE A 368 26.90 -5.09 -9.74
N ARG A 369 27.87 -4.46 -9.10
CA ARG A 369 28.27 -3.13 -9.47
C ARG A 369 29.67 -3.11 -10.03
N THR A 370 29.78 -2.54 -11.22
CA THR A 370 31.03 -2.10 -11.79
C THR A 370 31.20 -0.63 -11.42
N ILE A 371 32.34 -0.30 -10.86
CA ILE A 371 32.69 1.07 -10.58
C ILE A 371 33.66 1.54 -11.66
N LEU A 372 33.34 2.68 -12.25
CA LEU A 372 34.14 3.33 -13.26
C LEU A 372 34.93 4.46 -12.63
N THR A 373 36.25 4.46 -12.88
CA THR A 373 37.14 5.50 -12.40
C THR A 373 37.58 6.42 -13.51
N PHE A 374 37.51 7.70 -13.22
CA PHE A 374 37.89 8.77 -14.15
C PHE A 374 39.35 9.03 -14.16
N SER B 1 -40.06 -23.16 26.33
CA SER B 1 -38.59 -23.50 26.35
C SER B 1 -38.14 -23.87 24.98
N THR B 2 -37.05 -23.25 24.53
CA THR B 2 -36.52 -23.61 23.23
C THR B 2 -35.15 -24.27 23.34
N ALA B 3 -34.47 -24.17 24.47
CA ALA B 3 -33.13 -24.72 24.59
C ALA B 3 -33.08 -26.22 24.24
N GLY B 4 -32.17 -26.63 23.36
CA GLY B 4 -32.00 -28.00 22.91
C GLY B 4 -32.95 -28.45 21.83
N LYS B 5 -33.88 -27.58 21.45
CA LYS B 5 -34.88 -27.89 20.44
C LYS B 5 -34.66 -27.10 19.19
N VAL B 6 -35.12 -27.63 18.09
CA VAL B 6 -35.21 -26.91 16.83
C VAL B 6 -36.21 -25.79 17.02
N ILE B 7 -35.81 -24.60 16.58
CA ILE B 7 -36.72 -23.45 16.53
C ILE B 7 -37.25 -23.22 15.10
N LYS B 8 -38.57 -23.03 14.98
CA LYS B 8 -39.15 -22.60 13.75
C LYS B 8 -39.38 -21.11 13.88
N CYS B 9 -38.89 -20.35 12.92
CA CYS B 9 -38.99 -18.88 12.99
C CYS B 9 -38.96 -18.29 11.63
N LYS B 10 -39.15 -16.99 11.53
CA LYS B 10 -39.16 -16.33 10.30
C LYS B 10 -37.71 -15.85 9.98
N ALA B 11 -37.37 -15.97 8.72
CA ALA B 11 -36.13 -15.44 8.14
C ALA B 11 -36.33 -14.91 6.73
N ALA B 12 -35.34 -14.18 6.23
CA ALA B 12 -35.36 -13.66 4.91
C ALA B 12 -34.36 -14.51 4.15
N VAL B 13 -34.89 -15.41 3.32
CA VAL B 13 -34.08 -16.30 2.50
C VAL B 13 -33.85 -15.75 1.14
N LEU B 14 -32.59 -15.80 0.64
CA LEU B 14 -32.27 -15.41 -0.71
C LEU B 14 -32.02 -16.71 -1.43
N TRP B 15 -32.98 -17.08 -2.28
CA TRP B 15 -32.91 -18.34 -3.01
C TRP B 15 -32.01 -18.26 -4.20
N GLU B 16 -31.91 -17.10 -4.87
CA GLU B 16 -31.04 -16.97 -6.04
C GLU B 16 -30.69 -15.50 -6.20
N GLU B 17 -29.69 -15.21 -7.00
CA GLU B 17 -29.32 -13.82 -7.20
C GLU B 17 -30.45 -13.04 -7.83
N LYS B 18 -30.45 -11.73 -7.61
CA LYS B 18 -31.27 -10.78 -8.33
C LYS B 18 -32.76 -11.06 -8.10
N LYS B 19 -33.11 -11.50 -6.90
CA LYS B 19 -34.51 -11.72 -6.46
C LYS B 19 -34.71 -11.00 -5.14
N PRO B 20 -35.94 -10.58 -4.86
CA PRO B 20 -36.28 -10.13 -3.52
C PRO B 20 -36.00 -11.21 -2.50
N PHE B 21 -35.75 -10.80 -1.25
CA PHE B 21 -35.69 -11.73 -0.18
C PHE B 21 -37.08 -12.36 0.01
N SER B 22 -37.10 -13.62 0.38
CA SER B 22 -38.33 -14.35 0.66
C SER B 22 -38.48 -14.54 2.16
N ILE B 23 -39.47 -13.88 2.75
CA ILE B 23 -39.65 -13.96 4.18
C ILE B 23 -40.57 -15.12 4.53
N GLU B 24 -40.02 -16.11 5.19
CA GLU B 24 -40.74 -17.35 5.43
C GLU B 24 -40.16 -18.13 6.57
N GLU B 25 -40.83 -19.20 6.95
CA GLU B 25 -40.44 -19.99 8.05
C GLU B 25 -39.22 -20.82 7.72
N VAL B 26 -38.28 -20.81 8.63
CA VAL B 26 -37.10 -21.66 8.58
C VAL B 26 -37.01 -22.44 9.88
N GLU B 27 -36.20 -23.50 9.87
CA GLU B 27 -35.89 -24.22 11.07
CA GLU B 27 -35.87 -24.29 11.05
C GLU B 27 -34.43 -24.01 11.45
N VAL B 28 -34.21 -23.68 12.70
CA VAL B 28 -32.89 -23.38 13.22
C VAL B 28 -32.54 -24.42 14.27
N ALA B 29 -31.51 -25.19 13.94
CA ALA B 29 -31.07 -26.27 14.82
C ALA B 29 -30.50 -25.70 16.11
N PRO B 30 -30.50 -26.50 17.18
CA PRO B 30 -29.84 -26.04 18.40
C PRO B 30 -28.31 -26.00 18.22
N PRO B 31 -27.65 -25.21 19.04
CA PRO B 31 -26.20 -25.10 18.92
C PRO B 31 -25.48 -26.36 19.36
N LYS B 32 -24.49 -26.73 18.57
CA LYS B 32 -23.58 -27.80 18.90
C LYS B 32 -22.47 -27.27 19.79
N ALA B 33 -21.46 -28.06 20.05
CA ALA B 33 -20.35 -27.66 20.85
C ALA B 33 -19.74 -26.41 20.30
N HIS B 34 -19.50 -25.50 21.21
CA HIS B 34 -18.84 -24.22 20.96
C HIS B 34 -19.62 -23.35 20.00
N GLU B 35 -20.95 -23.49 19.99
CA GLU B 35 -21.84 -22.68 19.22
C GLU B 35 -22.84 -21.95 20.11
N VAL B 36 -23.43 -20.90 19.54
CA VAL B 36 -24.27 -19.97 20.31
C VAL B 36 -25.49 -19.65 19.45
N ARG B 37 -26.68 -19.86 19.99
CA ARG B 37 -27.89 -19.51 19.30
C ARG B 37 -28.41 -18.17 19.84
N ILE B 38 -28.68 -17.24 18.94
CA ILE B 38 -28.99 -15.85 19.24
C ILE B 38 -30.37 -15.49 18.72
N LYS B 39 -31.15 -14.85 19.59
CA LYS B 39 -32.38 -14.23 19.19
C LYS B 39 -32.06 -12.80 18.72
N MET B 40 -32.29 -12.56 17.46
CA MET B 40 -32.01 -11.27 16.88
C MET B 40 -32.92 -10.16 17.37
N VAL B 41 -32.35 -8.98 17.61
CA VAL B 41 -33.12 -7.81 18.03
C VAL B 41 -33.13 -6.73 16.98
N ALA B 42 -32.00 -6.48 16.33
CA ALA B 42 -31.91 -5.45 15.30
C ALA B 42 -30.82 -5.84 14.34
N THR B 43 -31.01 -5.52 13.07
CA THR B 43 -29.98 -5.77 12.04
C THR B 43 -30.02 -4.61 11.04
N GLY B 44 -28.84 -4.15 10.66
CA GLY B 44 -28.72 -3.13 9.64
C GLY B 44 -28.62 -3.69 8.26
N ILE B 45 -29.01 -2.89 7.30
CA ILE B 45 -28.84 -3.22 5.89
C ILE B 45 -27.57 -2.56 5.36
N CYS B 46 -26.54 -3.39 5.17
CA CYS B 46 -25.24 -2.95 4.68
C CYS B 46 -25.20 -3.18 3.18
N ARG B 47 -24.51 -2.33 2.44
CA ARG B 47 -24.37 -2.57 1.01
C ARG B 47 -23.83 -3.95 0.68
N SER B 48 -22.98 -4.51 1.57
CA SER B 48 -22.48 -5.85 1.27
C SER B 48 -23.56 -6.91 1.20
N ASP B 49 -24.64 -6.75 1.96
CA ASP B 49 -25.74 -7.68 1.84
C ASP B 49 -26.36 -7.55 0.47
N ASP B 50 -26.49 -6.35 -0.05
CA ASP B 50 -26.97 -6.12 -1.41
C ASP B 50 -26.02 -6.70 -2.46
N HIS B 51 -24.71 -6.66 -2.18
CA HIS B 51 -23.76 -7.26 -3.10
C HIS B 51 -23.98 -8.76 -3.28
N VAL B 52 -24.50 -9.43 -2.24
CA VAL B 52 -24.86 -10.84 -2.37
C VAL B 52 -26.01 -10.97 -3.36
N VAL B 53 -27.04 -10.13 -3.25
CA VAL B 53 -28.16 -10.15 -4.19
C VAL B 53 -27.72 -9.88 -5.60
N SER B 54 -26.84 -8.92 -5.82
CA SER B 54 -26.49 -8.48 -7.16
C SER B 54 -25.43 -9.33 -7.80
N GLY B 55 -24.84 -10.25 -7.04
CA GLY B 55 -23.75 -11.09 -7.52
C GLY B 55 -22.40 -10.39 -7.53
N THR B 56 -22.30 -9.20 -6.94
CA THR B 56 -21.02 -8.51 -6.72
C THR B 56 -20.13 -9.32 -5.78
N LEU B 57 -20.71 -9.82 -4.68
CA LEU B 57 -20.05 -10.60 -3.69
CA LEU B 57 -20.03 -10.61 -3.70
C LEU B 57 -20.58 -12.03 -3.79
N VAL B 58 -19.73 -12.96 -4.13
CA VAL B 58 -20.08 -14.34 -4.31
C VAL B 58 -20.04 -15.08 -2.98
N THR B 59 -21.12 -15.77 -2.67
CA THR B 59 -21.20 -16.67 -1.55
C THR B 59 -22.22 -17.74 -1.91
N PRO B 60 -22.10 -18.96 -1.33
CA PRO B 60 -23.07 -20.00 -1.75
C PRO B 60 -24.53 -19.67 -1.44
N LEU B 61 -25.40 -19.93 -2.42
CA LEU B 61 -26.84 -19.73 -2.32
C LEU B 61 -27.52 -21.10 -2.34
N PRO B 62 -28.73 -21.23 -1.77
CA PRO B 62 -29.49 -20.19 -1.06
C PRO B 62 -28.84 -19.85 0.26
N VAL B 63 -29.15 -18.66 0.76
CA VAL B 63 -28.47 -18.14 1.94
C VAL B 63 -29.37 -17.28 2.78
N ILE B 64 -29.08 -17.28 4.06
CA ILE B 64 -29.55 -16.24 4.96
C ILE B 64 -28.44 -15.22 5.16
N ALA B 65 -28.61 -14.08 4.52
CA ALA B 65 -27.62 -13.01 4.58
C ALA B 65 -27.84 -12.22 5.87
N GLY B 66 -27.21 -11.04 5.95
CA GLY B 66 -27.24 -10.27 7.14
C GLY B 66 -26.01 -10.56 7.98
N HIS B 67 -25.34 -9.48 8.35
CA HIS B 67 -24.10 -9.59 9.12
C HIS B 67 -23.85 -8.46 10.11
N GLU B 68 -24.69 -7.44 10.10
CA GLU B 68 -24.55 -6.25 10.95
C GLU B 68 -25.72 -6.24 11.91
N ALA B 69 -25.53 -6.71 13.14
CA ALA B 69 -26.69 -7.01 13.97
C ALA B 69 -26.32 -7.05 15.45
N ALA B 70 -27.38 -7.09 16.25
CA ALA B 70 -27.26 -7.31 17.65
C ALA B 70 -28.45 -8.11 18.15
N GLY B 71 -28.23 -8.93 19.17
CA GLY B 71 -29.29 -9.78 19.71
C GLY B 71 -29.01 -10.21 21.12
N ILE B 72 -29.74 -11.24 21.53
CA ILE B 72 -29.68 -11.74 22.89
C ILE B 72 -29.50 -13.26 22.83
N VAL B 73 -28.55 -13.81 23.55
CA VAL B 73 -28.29 -15.25 23.50
C VAL B 73 -29.48 -16.03 24.04
N GLU B 74 -29.98 -16.94 23.24
CA GLU B 74 -31.04 -17.85 23.65
C GLU B 74 -30.47 -19.12 24.30
N SER B 75 -29.38 -19.67 23.78
CA SER B 75 -28.79 -20.88 24.35
C SER B 75 -27.37 -21.02 23.84
N ILE B 76 -26.61 -21.80 24.58
CA ILE B 76 -25.22 -22.08 24.26
C ILE B 76 -24.98 -23.58 24.20
N GLY B 77 -24.08 -23.96 23.33
CA GLY B 77 -23.65 -25.32 23.23
C GLY B 77 -22.63 -25.66 24.25
N GLU B 78 -22.30 -26.96 24.26
CA GLU B 78 -21.32 -27.45 25.18
CA GLU B 78 -21.27 -27.53 25.11
C GLU B 78 -20.01 -26.71 24.96
N GLY B 79 -19.40 -26.35 26.06
CA GLY B 79 -18.05 -25.85 26.00
C GLY B 79 -17.94 -24.36 25.87
N VAL B 80 -19.03 -23.65 25.67
CA VAL B 80 -19.01 -22.19 25.48
C VAL B 80 -18.72 -21.53 26.81
N THR B 81 -17.80 -20.57 26.82
CA THR B 81 -17.34 -19.93 28.06
C THR B 81 -17.45 -18.42 28.04
N THR B 82 -17.71 -17.80 26.89
CA THR B 82 -17.60 -16.35 26.76
C THR B 82 -18.91 -15.60 26.70
N VAL B 83 -20.02 -16.34 26.59
CA VAL B 83 -21.34 -15.74 26.63
C VAL B 83 -22.25 -16.74 27.35
N ARG B 84 -23.38 -16.21 27.80
CA ARG B 84 -24.39 -17.01 28.49
C ARG B 84 -25.76 -16.59 28.02
N PRO B 85 -26.76 -17.48 28.18
CA PRO B 85 -28.13 -17.12 27.84
C PRO B 85 -28.53 -15.81 28.51
N GLY B 86 -29.19 -14.96 27.74
CA GLY B 86 -29.62 -13.64 28.19
C GLY B 86 -28.65 -12.50 27.89
N ASP B 87 -27.41 -12.82 27.52
CA ASP B 87 -26.45 -11.77 27.24
C ASP B 87 -26.78 -11.05 25.97
N LYS B 88 -26.56 -9.74 25.93
CA LYS B 88 -26.56 -9.01 24.67
C LYS B 88 -25.25 -9.27 23.96
N VAL B 89 -25.36 -9.49 22.66
CA VAL B 89 -24.22 -9.90 21.81
C VAL B 89 -24.32 -9.24 20.45
N ILE B 90 -23.15 -9.11 19.83
CA ILE B 90 -23.00 -8.75 18.42
C ILE B 90 -22.29 -9.91 17.71
N PRO B 91 -22.90 -10.47 16.66
CA PRO B 91 -22.20 -11.46 15.82
C PRO B 91 -21.05 -10.79 15.10
N LEU B 92 -19.97 -11.53 14.91
CA LEU B 92 -18.74 -11.02 14.38
C LEU B 92 -18.51 -11.65 13.00
N PHE B 93 -18.68 -10.90 11.93
CA PHE B 93 -18.48 -11.43 10.62
C PHE B 93 -17.05 -11.76 10.29
N THR B 94 -16.13 -11.15 11.02
CA THR B 94 -14.74 -11.57 11.07
C THR B 94 -14.52 -12.21 12.43
N PRO B 95 -14.19 -13.50 12.48
CA PRO B 95 -14.00 -14.13 13.78
C PRO B 95 -12.75 -13.60 14.49
N GLN B 96 -12.60 -14.03 15.74
CA GLN B 96 -11.33 -13.83 16.42
C GLN B 96 -11.05 -15.11 17.20
N CYS B 97 -10.36 -16.06 16.59
CA CYS B 97 -10.11 -17.32 17.23
C CYS B 97 -9.10 -17.19 18.37
N GLY B 98 -8.23 -16.20 18.31
CA GLY B 98 -7.21 -16.01 19.30
C GLY B 98 -5.97 -16.85 19.22
N LYS B 99 -5.96 -17.78 18.28
CA LYS B 99 -4.91 -18.81 18.24
C LYS B 99 -4.11 -18.82 16.94
N CYS B 100 -4.63 -18.23 15.86
CA CYS B 100 -3.93 -18.27 14.56
C CYS B 100 -2.89 -17.17 14.49
N ARG B 101 -2.02 -17.24 13.50
CA ARG B 101 -0.92 -16.29 13.41
C ARG B 101 -1.40 -14.85 13.29
N VAL B 102 -2.54 -14.66 12.63
CA VAL B 102 -3.12 -13.31 12.46
C VAL B 102 -3.64 -12.80 13.79
N CYS B 103 -4.40 -13.63 14.51
CA CYS B 103 -4.93 -13.19 15.79
C CYS B 103 -3.82 -12.86 16.76
N LYS B 104 -2.69 -13.56 16.67
CA LYS B 104 -1.55 -13.27 17.54
C LYS B 104 -0.71 -12.10 17.13
N HIS B 105 -0.87 -11.61 15.92
CA HIS B 105 -0.08 -10.50 15.42
C HIS B 105 -0.67 -9.20 15.93
N PRO B 106 0.21 -8.24 16.30
N PRO B 106 0.13 -8.27 16.45
CA PRO B 106 -0.27 -6.99 16.89
CA PRO B 106 -0.57 -7.08 16.98
C PRO B 106 -1.19 -6.16 16.02
C PRO B 106 -1.41 -6.28 15.97
N GLU B 107 -1.05 -6.28 14.69
CA GLU B 107 -1.77 -5.43 13.76
C GLU B 107 -2.95 -6.23 13.16
N GLY B 108 -2.75 -7.49 12.95
CA GLY B 108 -3.65 -8.29 12.12
C GLY B 108 -5.03 -8.45 12.72
N ASN B 109 -6.04 -8.48 11.85
CA ASN B 109 -7.39 -8.77 12.34
C ASN B 109 -8.13 -9.77 11.49
N PHE B 110 -7.62 -10.11 10.32
CA PHE B 110 -8.36 -10.96 9.40
C PHE B 110 -8.08 -12.43 9.72
N CYS B 111 -8.69 -12.87 10.82
CA CYS B 111 -8.49 -14.18 11.38
C CYS B 111 -8.63 -15.24 10.32
N LEU B 112 -7.75 -16.24 10.36
CA LEU B 112 -7.72 -17.27 9.38
C LEU B 112 -8.96 -18.16 9.38
N LYS B 113 -9.79 -18.09 10.40
CA LYS B 113 -11.05 -18.83 10.42
C LYS B 113 -12.19 -18.13 9.70
N ASN B 114 -11.92 -17.01 9.06
CA ASN B 114 -12.95 -16.26 8.36
C ASN B 114 -13.53 -17.03 7.21
N ASP B 115 -14.76 -16.68 6.87
CA ASP B 115 -15.47 -17.25 5.75
C ASP B 115 -15.63 -16.26 4.60
N LEU B 116 -14.77 -15.23 4.57
CA LEU B 116 -14.84 -14.21 3.52
C LEU B 116 -13.94 -14.50 2.36
N SER B 117 -12.72 -14.94 2.62
CA SER B 117 -11.77 -15.18 1.51
C SER B 117 -12.23 -16.19 0.52
N MET B 118 -12.75 -17.29 1.03
CA MET B 118 -13.19 -18.43 0.17
C MET B 118 -14.48 -18.97 0.75
N PRO B 119 -15.57 -18.24 0.52
CA PRO B 119 -16.77 -18.54 1.27
C PRO B 119 -17.33 -19.92 1.05
N ARG B 120 -17.58 -20.61 2.15
CA ARG B 120 -18.26 -21.91 2.20
C ARG B 120 -19.71 -21.75 2.65
N GLY B 121 -20.04 -20.72 3.44
CA GLY B 121 -21.44 -20.51 3.85
C GLY B 121 -21.91 -21.56 4.80
N THR B 122 -21.04 -21.94 5.74
CA THR B 122 -21.38 -22.90 6.76
C THR B 122 -20.93 -22.38 8.13
N MET B 123 -21.24 -23.17 9.14
CA MET B 123 -20.60 -23.12 10.43
C MET B 123 -19.13 -23.57 10.29
N GLN B 124 -18.35 -23.33 11.31
CA GLN B 124 -16.94 -23.78 11.28
C GLN B 124 -16.81 -25.26 10.98
N ASP B 125 -17.75 -26.07 11.45
CA ASP B 125 -17.69 -27.53 11.21
C ASP B 125 -18.12 -27.97 9.81
N GLY B 126 -18.41 -27.04 8.92
CA GLY B 126 -18.71 -27.35 7.53
C GLY B 126 -20.16 -27.71 7.29
N THR B 127 -21.02 -27.55 8.28
CA THR B 127 -22.44 -27.85 8.16
C THR B 127 -23.28 -26.62 8.41
N SER B 128 -24.58 -26.75 8.12
CA SER B 128 -25.52 -25.65 8.32
C SER B 128 -26.54 -25.96 9.38
N ARG B 129 -26.92 -24.93 10.12
CA ARG B 129 -27.95 -25.04 11.13
C ARG B 129 -29.33 -24.64 10.62
N PHE B 130 -29.47 -24.31 9.34
CA PHE B 130 -30.71 -23.78 8.80
C PHE B 130 -31.31 -24.73 7.77
N THR B 131 -32.63 -24.87 7.81
CA THR B 131 -33.38 -25.57 6.75
C THR B 131 -34.61 -24.75 6.42
N CYS B 132 -35.02 -24.81 5.17
CA CYS B 132 -36.22 -24.04 4.76
C CYS B 132 -36.88 -24.90 3.70
N ARG B 133 -38.16 -25.21 3.90
CA ARG B 133 -38.92 -26.10 3.00
C ARG B 133 -38.16 -27.39 2.74
N GLY B 134 -37.54 -27.90 3.79
CA GLY B 134 -36.77 -29.18 3.70
C GLY B 134 -35.39 -29.11 3.07
N LYS B 135 -34.96 -27.91 2.71
CA LYS B 135 -33.70 -27.76 2.02
C LYS B 135 -32.70 -27.06 2.97
N PRO B 136 -31.43 -27.46 2.86
N PRO B 136 -31.48 -27.61 3.14
CA PRO B 136 -30.41 -26.75 3.61
CA PRO B 136 -30.45 -26.86 3.88
C PRO B 136 -30.20 -25.37 3.07
C PRO B 136 -30.06 -25.54 3.22
N ILE B 137 -29.95 -24.47 3.98
N ILE B 137 -29.98 -24.49 4.04
CA ILE B 137 -29.70 -23.09 3.60
C ILE B 137 -28.33 -22.69 4.11
N HIS B 138 -27.56 -21.97 3.29
CA HIS B 138 -26.25 -21.50 3.73
C HIS B 138 -26.31 -20.37 4.74
N HIS B 139 -25.24 -20.35 5.53
CA HIS B 139 -24.90 -19.23 6.37
CA HIS B 139 -24.93 -19.20 6.35
C HIS B 139 -24.12 -18.19 5.55
N PHE B 140 -23.94 -17.00 6.13
CA PHE B 140 -23.22 -15.90 5.51
C PHE B 140 -22.27 -15.31 6.51
N LEU B 141 -20.98 -15.42 6.21
CA LEU B 141 -19.90 -14.89 7.05
C LEU B 141 -19.98 -15.39 8.44
N GLY B 142 -20.51 -16.60 8.67
CA GLY B 142 -20.67 -17.07 10.02
C GLY B 142 -21.58 -16.24 10.91
N THR B 143 -22.50 -15.50 10.32
CA THR B 143 -23.41 -14.64 11.04
C THR B 143 -24.85 -14.94 10.70
N SER B 144 -25.34 -14.56 9.54
CA SER B 144 -26.70 -14.82 9.11
C SER B 144 -27.72 -14.19 10.02
N THR B 145 -27.84 -12.87 9.93
CA THR B 145 -28.61 -12.08 10.88
C THR B 145 -29.98 -11.71 10.38
N PHE B 146 -30.30 -12.02 9.14
CA PHE B 146 -31.64 -11.77 8.62
C PHE B 146 -32.60 -12.95 8.96
N SER B 147 -32.70 -13.18 10.26
CA SER B 147 -33.49 -14.32 10.79
C SER B 147 -33.78 -14.01 12.22
N GLN B 148 -34.95 -14.40 12.71
CA GLN B 148 -35.23 -14.15 14.10
C GLN B 148 -34.27 -14.84 15.02
N TYR B 149 -33.77 -16.00 14.62
CA TYR B 149 -32.73 -16.70 15.36
C TYR B 149 -31.62 -17.12 14.41
N THR B 150 -30.40 -17.05 14.88
CA THR B 150 -29.26 -17.62 14.16
C THR B 150 -28.38 -18.41 15.11
N VAL B 151 -27.46 -19.20 14.55
CA VAL B 151 -26.47 -19.95 15.34
C VAL B 151 -25.12 -19.54 14.78
N VAL B 152 -24.24 -19.19 15.68
CA VAL B 152 -22.89 -18.75 15.31
C VAL B 152 -21.87 -19.52 16.12
N ASP B 153 -20.66 -19.63 15.61
CA ASP B 153 -19.56 -20.15 16.37
C ASP B 153 -19.14 -19.18 17.45
N GLU B 154 -18.66 -19.68 18.57
CA GLU B 154 -18.25 -18.85 19.66
C GLU B 154 -17.22 -17.81 19.27
N ILE B 155 -16.29 -18.15 18.39
CA ILE B 155 -15.28 -17.20 17.93
C ILE B 155 -15.85 -16.07 17.08
N SER B 156 -17.13 -16.16 16.75
CA SER B 156 -17.84 -15.19 15.94
C SER B 156 -18.96 -14.48 16.73
N VAL B 157 -18.80 -14.35 18.04
CA VAL B 157 -19.75 -13.59 18.82
C VAL B 157 -19.02 -12.84 19.93
N ALA B 158 -19.45 -11.62 20.21
CA ALA B 158 -18.93 -10.84 21.35
C ALA B 158 -20.05 -10.43 22.25
N LYS B 159 -19.80 -10.61 23.55
CA LYS B 159 -20.69 -10.13 24.60
C LYS B 159 -20.53 -8.62 24.73
N ILE B 160 -21.63 -7.90 24.86
CA ILE B 160 -21.60 -6.45 25.00
C ILE B 160 -22.40 -6.06 26.25
N ASP B 161 -22.28 -4.79 26.61
CA ASP B 161 -22.93 -4.22 27.84
C ASP B 161 -24.39 -4.59 27.86
N ALA B 162 -24.85 -5.08 29.00
CA ALA B 162 -26.26 -5.43 29.18
C ALA B 162 -27.24 -4.27 29.00
N ALA B 163 -26.75 -3.04 29.15
CA ALA B 163 -27.60 -1.88 29.00
C ALA B 163 -27.56 -1.27 27.62
N SER B 164 -26.91 -1.91 26.65
CA SER B 164 -26.79 -1.18 25.37
C SER B 164 -28.01 -1.23 24.49
N PRO B 165 -28.25 -0.14 23.74
CA PRO B 165 -29.43 -0.07 22.89
C PRO B 165 -29.17 -0.79 21.57
N LEU B 166 -29.73 -1.97 21.44
CA LEU B 166 -29.37 -2.84 20.34
C LEU B 166 -29.77 -2.32 18.98
N GLU B 167 -30.79 -1.48 18.93
CA GLU B 167 -31.24 -0.83 17.71
C GLU B 167 -30.31 0.21 17.18
N LYS B 168 -29.31 0.59 17.97
CA LYS B 168 -28.22 1.48 17.52
C LYS B 168 -26.92 0.68 17.38
N VAL B 169 -26.52 -0.09 18.42
CA VAL B 169 -25.19 -0.69 18.43
C VAL B 169 -25.02 -1.81 17.43
N CYS B 170 -26.09 -2.32 16.82
CA CYS B 170 -25.94 -3.24 15.71
C CYS B 170 -24.96 -2.69 14.66
N LEU B 171 -24.88 -1.36 14.48
CA LEU B 171 -23.98 -0.78 13.50
C LEU B 171 -22.52 -0.98 13.80
N ILE B 172 -22.21 -1.22 15.07
CA ILE B 172 -20.85 -1.58 15.47
C ILE B 172 -20.45 -2.96 14.89
N GLY B 173 -21.43 -3.79 14.56
CA GLY B 173 -21.14 -5.05 13.91
C GLY B 173 -20.62 -4.97 12.50
N CYS B 174 -20.75 -3.83 11.83
CA CYS B 174 -20.12 -3.69 10.52
C CYS B 174 -19.82 -2.26 10.16
N GLY B 175 -20.81 -1.50 9.76
CA GLY B 175 -20.51 -0.30 9.00
C GLY B 175 -19.79 0.78 9.80
N PHE B 176 -20.23 1.02 11.05
CA PHE B 176 -19.60 2.05 11.83
C PHE B 176 -18.11 1.70 12.10
N SER B 177 -17.89 0.50 12.62
CA SER B 177 -16.57 0.11 13.00
C SER B 177 -15.65 0.08 11.82
N THR B 178 -16.14 -0.41 10.70
CA THR B 178 -15.36 -0.47 9.47
C THR B 178 -14.88 0.94 9.11
N GLY B 179 -15.81 1.89 8.99
CA GLY B 179 -15.38 3.18 8.51
C GLY B 179 -14.52 3.88 9.52
N TYR B 180 -14.92 3.88 10.80
CA TYR B 180 -14.19 4.57 11.84
C TYR B 180 -12.78 4.00 11.96
N GLY B 181 -12.63 2.68 12.04
CA GLY B 181 -11.31 2.09 12.13
C GLY B 181 -10.48 2.31 10.88
N SER B 182 -11.11 2.30 9.71
CA SER B 182 -10.32 2.56 8.48
C SER B 182 -9.59 3.89 8.62
N ALA B 183 -10.22 4.90 9.21
CA ALA B 183 -9.55 6.19 9.46
C ALA B 183 -8.57 6.11 10.60
N VAL B 184 -9.02 5.68 11.78
CA VAL B 184 -8.20 5.86 12.97
C VAL B 184 -7.16 4.79 13.21
N LYS B 185 -7.36 3.59 12.66
CA LYS B 185 -6.47 2.46 12.89
C LYS B 185 -5.70 2.09 11.65
N VAL B 186 -6.35 2.03 10.50
CA VAL B 186 -5.70 1.57 9.26
C VAL B 186 -4.91 2.71 8.63
N ALA B 187 -5.57 3.81 8.30
CA ALA B 187 -4.86 4.96 7.76
C ALA B 187 -4.05 5.68 8.82
N LYS B 188 -4.52 5.69 10.04
CA LYS B 188 -3.92 6.49 11.12
C LYS B 188 -3.84 7.96 10.69
N VAL B 189 -5.01 8.51 10.37
CA VAL B 189 -5.16 9.91 10.02
C VAL B 189 -4.54 10.79 11.09
N THR B 190 -3.82 11.79 10.63
CA THR B 190 -3.09 12.69 11.51
C THR B 190 -3.80 14.03 11.69
N GLN B 191 -3.48 14.65 12.81
CA GLN B 191 -4.02 15.97 13.13
C GLN B 191 -3.60 16.98 12.06
N GLY B 192 -4.56 17.76 11.57
CA GLY B 192 -4.26 18.84 10.64
C GLY B 192 -4.24 18.38 9.17
N SER B 193 -4.46 17.10 8.91
CA SER B 193 -4.36 16.56 7.57
C SER B 193 -5.55 16.86 6.71
N THR B 194 -5.41 16.60 5.42
CA THR B 194 -6.48 16.66 4.44
C THR B 194 -6.83 15.24 4.01
N CYS B 195 -8.11 14.90 4.12
CA CYS B 195 -8.63 13.62 3.77
C CYS B 195 -9.64 13.74 2.63
N ALA B 196 -9.74 12.71 1.79
CA ALA B 196 -10.78 12.57 0.79
C ALA B 196 -11.47 11.23 0.98
N VAL B 197 -12.79 11.29 1.07
CA VAL B 197 -13.60 10.10 1.33
C VAL B 197 -14.54 9.89 0.14
N PHE B 198 -14.30 8.80 -0.61
CA PHE B 198 -15.10 8.46 -1.78
C PHE B 198 -16.19 7.53 -1.33
N GLY B 199 -17.43 8.00 -1.44
CA GLY B 199 -18.61 7.25 -1.06
C GLY B 199 -19.09 7.70 0.31
N LEU B 200 -20.33 8.22 0.35
CA LEU B 200 -20.90 8.85 1.53
C LEU B 200 -22.12 8.11 2.06
N GLY B 201 -22.06 6.78 2.00
CA GLY B 201 -23.01 5.93 2.69
C GLY B 201 -22.63 5.75 4.13
N GLY B 202 -23.24 4.74 4.75
CA GLY B 202 -23.02 4.54 6.17
C GLY B 202 -21.54 4.36 6.49
N VAL B 203 -20.84 3.57 5.66
CA VAL B 203 -19.42 3.33 5.94
C VAL B 203 -18.62 4.61 5.72
N GLY B 204 -18.86 5.29 4.61
CA GLY B 204 -18.10 6.51 4.33
C GLY B 204 -18.35 7.60 5.36
N LEU B 205 -19.59 7.72 5.84
CA LEU B 205 -19.86 8.67 6.93
C LEU B 205 -19.09 8.32 8.18
N SER B 206 -18.92 7.03 8.45
CA SER B 206 -18.16 6.57 9.57
C SER B 206 -16.66 6.81 9.40
N VAL B 207 -16.16 6.74 8.18
CA VAL B 207 -14.80 7.19 7.88
C VAL B 207 -14.69 8.67 8.20
N ILE B 208 -15.65 9.48 7.77
CA ILE B 208 -15.60 10.91 8.11
C ILE B 208 -15.56 11.10 9.60
N MET B 209 -16.40 10.39 10.33
CA MET B 209 -16.37 10.52 11.78
C MET B 209 -14.99 10.22 12.34
N GLY B 210 -14.32 9.19 11.83
CA GLY B 210 -12.98 8.87 12.28
C GLY B 210 -11.96 9.93 11.92
N CYS B 211 -12.06 10.46 10.69
CA CYS B 211 -11.12 11.51 10.28
C CYS B 211 -11.29 12.74 11.19
N LYS B 212 -12.53 13.10 11.51
CA LYS B 212 -12.78 14.23 12.40
C LYS B 212 -12.21 13.93 13.79
N ALA B 213 -12.46 12.73 14.29
CA ALA B 213 -11.91 12.34 15.60
C ALA B 213 -10.41 12.42 15.67
N ALA B 214 -9.76 12.13 14.56
CA ALA B 214 -8.31 12.15 14.43
C ALA B 214 -7.79 13.56 14.22
N GLY B 215 -8.68 14.53 14.07
CA GLY B 215 -8.24 15.92 13.97
C GLY B 215 -7.89 16.39 12.58
N ALA B 216 -8.41 15.74 11.54
CA ALA B 216 -8.17 16.25 10.22
C ALA B 216 -8.65 17.68 10.10
N ALA B 217 -7.91 18.48 9.37
CA ALA B 217 -8.31 19.88 9.10
C ALA B 217 -9.32 19.99 7.98
N ARG B 218 -9.22 19.12 6.97
CA ARG B 218 -10.08 19.13 5.79
C ARG B 218 -10.49 17.72 5.52
N ILE B 219 -11.77 17.54 5.25
CA ILE B 219 -12.35 16.25 4.93
C ILE B 219 -13.27 16.46 3.73
N ILE B 220 -12.84 16.01 2.57
CA ILE B 220 -13.54 16.23 1.33
C ILE B 220 -14.35 14.98 0.99
N GLY B 221 -15.68 15.12 1.03
CA GLY B 221 -16.51 14.02 0.64
C GLY B 221 -16.70 13.99 -0.85
N VAL B 222 -16.75 12.80 -1.44
CA VAL B 222 -16.90 12.63 -2.87
C VAL B 222 -18.03 11.66 -3.12
N ASP B 223 -19.06 12.08 -3.81
CA ASP B 223 -20.15 11.16 -4.14
C ASP B 223 -20.84 11.71 -5.37
N ILE B 224 -21.36 10.80 -6.19
CA ILE B 224 -22.14 11.18 -7.38
C ILE B 224 -23.59 11.47 -7.04
N ASN B 225 -24.00 11.22 -5.79
CA ASN B 225 -25.33 11.57 -5.33
C ASN B 225 -25.23 12.75 -4.38
N LYS B 226 -25.54 13.95 -4.87
CA LYS B 226 -25.38 15.15 -4.07
C LYS B 226 -26.33 15.17 -2.87
N ASP B 227 -27.36 14.32 -2.90
CA ASP B 227 -28.25 14.25 -1.73
C ASP B 227 -27.54 13.74 -0.48
N LYS B 228 -26.36 13.13 -0.66
CA LYS B 228 -25.56 12.61 0.44
C LYS B 228 -24.73 13.69 1.16
N PHE B 229 -24.62 14.87 0.56
CA PHE B 229 -23.71 15.89 1.04
C PHE B 229 -24.07 16.52 2.36
N ALA B 230 -25.36 16.76 2.55
CA ALA B 230 -25.75 17.47 3.75
C ALA B 230 -25.35 16.67 4.98
N LYS B 231 -25.65 15.36 5.00
CA LYS B 231 -25.29 14.56 6.15
C LYS B 231 -23.78 14.42 6.31
N ALA B 232 -23.07 14.32 5.19
CA ALA B 232 -21.63 14.24 5.25
C ALA B 232 -21.06 15.48 5.95
N LYS B 233 -21.55 16.66 5.60
CA LYS B 233 -21.12 17.89 6.30
C LYS B 233 -21.49 17.85 7.76
N GLU B 234 -22.69 17.38 8.11
CA GLU B 234 -23.08 17.32 9.52
C GLU B 234 -22.12 16.51 10.34
N VAL B 235 -21.57 15.43 9.78
CA VAL B 235 -20.68 14.57 10.56
C VAL B 235 -19.19 14.91 10.42
N GLY B 236 -18.87 15.94 9.63
CA GLY B 236 -17.51 16.44 9.62
C GLY B 236 -16.89 16.81 8.29
N ALA B 237 -17.54 16.54 7.17
CA ALA B 237 -16.96 16.94 5.88
C ALA B 237 -16.89 18.46 5.84
N THR B 238 -15.78 18.97 5.35
CA THR B 238 -15.62 20.40 5.20
C THR B 238 -16.03 20.88 3.81
N GLU B 239 -16.11 19.98 2.85
CA GLU B 239 -16.39 20.26 1.45
C GLU B 239 -16.91 18.96 0.86
N CYS B 240 -17.75 19.07 -0.13
CA CYS B 240 -18.16 17.88 -0.89
C CYS B 240 -18.10 18.14 -2.37
N VAL B 241 -17.71 17.17 -3.18
CA VAL B 241 -17.62 17.28 -4.59
C VAL B 241 -18.29 16.11 -5.26
N ASN B 242 -18.98 16.41 -6.36
CA ASN B 242 -19.61 15.42 -7.21
C ASN B 242 -18.83 15.32 -8.50
N PRO B 243 -18.16 14.18 -8.77
CA PRO B 243 -17.39 14.04 -10.00
C PRO B 243 -18.17 14.38 -11.27
N GLN B 244 -19.48 14.18 -11.27
CA GLN B 244 -20.27 14.44 -12.47
C GLN B 244 -20.37 15.93 -12.75
N ASP B 245 -20.02 16.79 -11.80
CA ASP B 245 -20.07 18.24 -12.02
C ASP B 245 -18.86 18.78 -12.74
N TYR B 246 -17.83 17.96 -12.95
CA TYR B 246 -16.53 18.41 -13.43
C TYR B 246 -16.25 17.86 -14.79
N LYS B 247 -15.56 18.67 -15.58
CA LYS B 247 -15.08 18.22 -16.88
C LYS B 247 -13.81 17.37 -16.79
N LYS B 248 -13.02 17.54 -15.77
CA LYS B 248 -11.78 16.81 -15.64
C LYS B 248 -11.95 15.67 -14.66
N PRO B 249 -11.04 14.69 -14.72
CA PRO B 249 -11.12 13.59 -13.76
C PRO B 249 -11.02 14.09 -12.31
N ILE B 250 -11.75 13.46 -11.39
CA ILE B 250 -11.81 13.99 -10.05
C ILE B 250 -10.46 13.87 -9.34
N GLN B 251 -9.57 12.95 -9.75
CA GLN B 251 -8.26 12.92 -9.11
C GLN B 251 -7.53 14.20 -9.37
N GLU B 252 -7.70 14.78 -10.56
CA GLU B 252 -7.07 16.05 -10.88
C GLU B 252 -7.68 17.18 -10.06
N VAL B 253 -9.01 17.18 -9.96
CA VAL B 253 -9.70 18.16 -9.13
C VAL B 253 -9.20 18.12 -7.68
N LEU B 254 -9.16 16.93 -7.12
CA LEU B 254 -8.77 16.79 -5.73
C LEU B 254 -7.32 17.14 -5.50
N THR B 255 -6.48 16.85 -6.47
CA THR B 255 -5.04 17.23 -6.37
C THR B 255 -4.94 18.74 -6.32
N GLU B 256 -5.70 19.40 -7.21
CA GLU B 256 -5.71 20.88 -7.22
C GLU B 256 -6.25 21.46 -5.91
N MET B 257 -7.34 20.92 -5.42
CA MET B 257 -7.95 21.42 -4.20
C MET B 257 -7.06 21.33 -2.99
N SER B 258 -6.24 20.29 -2.96
CA SER B 258 -5.33 19.99 -1.86
C SER B 258 -3.94 20.47 -2.13
N ASN B 259 -3.77 21.36 -3.11
CA ASN B 259 -2.46 21.93 -3.38
C ASN B 259 -1.38 20.87 -3.54
N GLY B 260 -1.70 19.81 -4.28
CA GLY B 260 -0.75 18.79 -4.69
C GLY B 260 -1.07 17.38 -4.26
N GLY B 261 -2.25 17.13 -3.71
CA GLY B 261 -2.68 15.79 -3.32
C GLY B 261 -3.04 15.73 -1.86
N VAL B 262 -3.94 14.84 -1.52
CA VAL B 262 -4.38 14.74 -0.14
C VAL B 262 -3.45 13.85 0.71
N ASP B 263 -3.53 14.01 2.02
CA ASP B 263 -2.78 13.17 2.91
C ASP B 263 -3.31 11.72 2.98
N PHE B 264 -4.63 11.61 3.04
CA PHE B 264 -5.30 10.32 3.18
C PHE B 264 -6.51 10.28 2.30
N SER B 265 -6.65 9.20 1.55
CA SER B 265 -7.88 8.98 0.77
C SER B 265 -8.44 7.60 1.10
N PHE B 266 -9.76 7.50 0.92
CA PHE B 266 -10.50 6.29 1.24
C PHE B 266 -11.45 5.97 0.12
N GLU B 267 -11.40 4.72 -0.38
CA GLU B 267 -12.40 4.25 -1.35
C GLU B 267 -13.45 3.49 -0.56
N VAL B 268 -14.67 4.01 -0.52
CA VAL B 268 -15.74 3.48 0.30
C VAL B 268 -16.98 3.29 -0.55
N ILE B 269 -16.76 2.75 -1.74
CA ILE B 269 -17.78 2.51 -2.77
C ILE B 269 -17.81 1.07 -3.21
N GLY B 270 -16.69 0.62 -3.76
CA GLY B 270 -16.58 -0.72 -4.38
C GLY B 270 -16.49 -0.68 -5.88
N ARG B 271 -15.71 0.25 -6.46
CA ARG B 271 -15.51 0.26 -7.88
C ARG B 271 -14.02 0.28 -8.13
N LEU B 272 -13.61 -0.46 -9.15
CA LEU B 272 -12.21 -0.48 -9.47
C LEU B 272 -11.72 0.90 -9.87
N ASP B 273 -12.50 1.66 -10.64
CA ASP B 273 -12.05 2.95 -11.10
C ASP B 273 -11.83 3.92 -9.98
N THR B 274 -12.72 3.92 -8.98
CA THR B 274 -12.58 4.84 -7.85
C THR B 274 -11.44 4.38 -6.95
N MET B 275 -11.12 3.09 -6.91
CA MET B 275 -9.93 2.68 -6.16
C MET B 275 -8.68 3.30 -6.75
N VAL B 276 -8.55 3.29 -8.06
CA VAL B 276 -7.36 3.90 -8.71
C VAL B 276 -7.38 5.41 -8.59
N THR B 277 -8.55 6.02 -8.77
CA THR B 277 -8.70 7.46 -8.56
C THR B 277 -8.32 7.89 -7.14
N ALA B 278 -8.82 7.15 -6.15
CA ALA B 278 -8.52 7.49 -4.82
C ALA B 278 -7.04 7.38 -4.52
N LEU B 279 -6.38 6.34 -5.06
CA LEU B 279 -4.91 6.28 -4.85
C LEU B 279 -4.26 7.49 -5.49
N SER B 280 -4.64 7.80 -6.72
CA SER B 280 -4.00 8.85 -7.47
C SER B 280 -4.14 10.20 -6.84
N CYS B 281 -5.24 10.46 -6.14
CA CYS B 281 -5.48 11.77 -5.56
C CYS B 281 -4.71 12.04 -4.28
N CYS B 282 -4.11 11.00 -3.68
CA CYS B 282 -3.27 11.25 -2.53
CA CYS B 282 -3.16 11.15 -2.57
C CYS B 282 -1.87 11.69 -3.02
N GLN B 283 -1.22 12.47 -2.16
CA GLN B 283 0.06 13.09 -2.51
C GLN B 283 1.05 12.00 -2.90
N GLU B 284 1.76 12.25 -3.99
CA GLU B 284 2.54 11.20 -4.58
C GLU B 284 3.72 10.67 -3.79
N ALA B 285 4.26 11.48 -2.89
CA ALA B 285 5.43 11.13 -2.10
C ALA B 285 5.11 10.57 -0.72
N TYR B 286 3.99 10.97 -0.12
CA TYR B 286 3.71 10.60 1.27
C TYR B 286 2.23 10.30 1.52
N GLY B 287 1.41 10.32 0.50
CA GLY B 287 -0.02 10.02 0.63
C GLY B 287 -0.28 8.57 0.98
N VAL B 288 -1.43 8.34 1.59
CA VAL B 288 -1.91 7.01 1.97
C VAL B 288 -3.33 6.90 1.44
N SER B 289 -3.63 5.77 0.78
CA SER B 289 -4.98 5.48 0.31
C SER B 289 -5.41 4.13 0.86
N VAL B 290 -6.63 4.08 1.41
CA VAL B 290 -7.20 2.86 1.96
C VAL B 290 -8.40 2.45 1.17
N ILE B 291 -8.39 1.19 0.70
CA ILE B 291 -9.54 0.57 0.09
C ILE B 291 -10.40 -0.06 1.15
N VAL B 292 -11.67 0.34 1.15
CA VAL B 292 -12.68 -0.19 2.01
C VAL B 292 -13.78 -0.90 1.20
N GLY B 293 -14.15 -0.33 0.06
CA GLY B 293 -15.24 -0.90 -0.70
C GLY B 293 -14.94 -2.27 -1.24
N VAL B 294 -16.01 -3.07 -1.30
N VAL B 294 -16.02 -3.00 -1.52
CA VAL B 294 -15.96 -4.44 -1.85
CA VAL B 294 -15.95 -4.32 -2.14
C VAL B 294 -16.30 -4.39 -3.35
C VAL B 294 -16.37 -4.20 -3.62
N PRO B 295 -15.46 -4.48 -4.56
N PRO B 295 -15.37 -4.85 -4.20
CA PRO B 295 -15.73 -4.42 -5.93
CA PRO B 295 -15.39 -4.82 -5.70
C PRO B 295 -16.08 -5.81 -6.36
C PRO B 295 -16.21 -5.95 -6.44
N PRO B 296 -16.78 -5.72 -7.68
N PRO B 296 -16.32 -5.87 -7.65
CA PRO B 296 -17.27 -6.94 -8.34
CA PRO B 296 -17.04 -7.01 -8.04
C PRO B 296 -16.29 -8.15 -8.36
C PRO B 296 -16.17 -8.20 -8.20
N ASP B 297 -16.80 -9.34 -8.00
CA ASP B 297 -16.05 -10.55 -7.94
C ASP B 297 -15.21 -10.80 -9.18
N SER B 298 -13.97 -11.22 -8.94
CA SER B 298 -13.06 -11.69 -9.99
C SER B 298 -12.56 -10.66 -10.97
N GLN B 299 -12.72 -9.39 -10.69
CA GLN B 299 -12.31 -8.32 -11.61
C GLN B 299 -11.05 -7.68 -11.11
N ASN B 300 -10.11 -7.52 -12.00
CA ASN B 300 -8.85 -6.89 -11.69
C ASN B 300 -8.88 -5.45 -12.11
N LEU B 301 -8.18 -4.60 -11.34
CA LEU B 301 -7.97 -3.20 -11.72
C LEU B 301 -6.67 -3.12 -12.49
N SER B 302 -6.51 -2.02 -13.20
CA SER B 302 -5.31 -1.70 -13.91
C SER B 302 -4.73 -0.40 -13.32
N MET B 303 -3.44 -0.36 -13.04
CA MET B 303 -2.82 0.83 -12.52
C MET B 303 -1.37 0.87 -12.90
N ASN B 304 -0.84 2.09 -12.90
CA ASN B 304 0.58 2.35 -13.16
C ASN B 304 1.37 2.34 -11.85
N PRO B 305 2.30 1.37 -11.70
CA PRO B 305 3.00 1.31 -10.41
C PRO B 305 3.90 2.49 -10.12
N MET B 306 4.11 3.38 -11.06
CA MET B 306 4.74 4.65 -10.72
C MET B 306 3.99 5.42 -9.64
N LEU B 307 2.68 5.19 -9.52
CA LEU B 307 1.94 5.82 -8.46
C LEU B 307 2.48 5.43 -7.09
N LEU B 308 2.95 4.20 -6.95
CA LEU B 308 3.54 3.73 -5.72
C LEU B 308 5.02 4.06 -5.58
N LEU B 309 5.76 3.98 -6.68
CA LEU B 309 7.22 4.18 -6.61
CA LEU B 309 7.22 4.18 -6.63
C LEU B 309 7.57 5.55 -6.09
N SER B 310 6.77 6.57 -6.37
CA SER B 310 7.05 7.88 -5.86
C SER B 310 6.97 8.00 -4.34
N GLY B 311 6.23 7.06 -3.71
CA GLY B 311 6.13 7.09 -2.26
C GLY B 311 4.78 6.84 -1.68
N ARG B 312 3.73 6.71 -2.47
CA ARG B 312 2.38 6.42 -1.95
C ARG B 312 2.35 5.08 -1.24
N THR B 313 1.43 4.99 -0.30
CA THR B 313 1.08 3.76 0.41
C THR B 313 -0.36 3.45 0.07
N TRP B 314 -0.60 2.21 -0.30
CA TRP B 314 -1.94 1.70 -0.65
C TRP B 314 -2.22 0.52 0.27
N LYS B 315 -3.34 0.56 0.94
CA LYS B 315 -3.70 -0.55 1.82
C LYS B 315 -5.15 -0.80 1.74
N GLY B 316 -5.59 -1.94 2.23
CA GLY B 316 -7.03 -2.15 2.45
C GLY B 316 -7.21 -2.81 3.80
N ALA B 317 -8.47 -2.99 4.19
CA ALA B 317 -8.77 -3.69 5.43
C ALA B 317 -10.18 -4.13 5.45
N ILE B 318 -10.39 -5.16 6.28
CA ILE B 318 -11.71 -5.64 6.66
C ILE B 318 -12.02 -5.16 8.06
N PHE B 319 -13.24 -4.67 8.25
CA PHE B 319 -13.72 -4.31 9.60
C PHE B 319 -12.82 -3.27 10.24
N GLY B 320 -12.31 -2.33 9.46
CA GLY B 320 -11.57 -1.23 10.04
C GLY B 320 -10.28 -1.62 10.69
N GLY B 321 -9.77 -2.82 10.46
CA GLY B 321 -8.60 -3.30 11.14
C GLY B 321 -8.80 -3.80 12.54
N PHE B 322 -10.02 -3.73 13.08
CA PHE B 322 -10.25 -4.10 14.47
C PHE B 322 -10.25 -5.61 14.66
N LYS B 323 -9.50 -6.07 15.64
CA LYS B 323 -9.65 -7.46 16.12
C LYS B 323 -11.05 -7.55 16.74
N SER B 324 -11.85 -8.41 16.17
CA SER B 324 -13.29 -8.25 16.32
C SER B 324 -13.81 -8.45 17.74
N LYS B 325 -13.44 -9.57 18.35
CA LYS B 325 -14.01 -9.92 19.65
C LYS B 325 -13.46 -9.01 20.75
N ASP B 326 -12.20 -8.60 20.65
CA ASP B 326 -11.64 -7.67 21.56
C ASP B 326 -12.28 -6.28 21.39
N SER B 327 -12.49 -5.86 20.15
CA SER B 327 -12.83 -4.49 19.87
C SER B 327 -14.31 -4.16 20.01
N VAL B 328 -15.19 -5.08 19.61
CA VAL B 328 -16.61 -4.77 19.59
C VAL B 328 -17.14 -4.32 20.96
N PRO B 329 -16.81 -5.05 22.03
CA PRO B 329 -17.35 -4.60 23.34
C PRO B 329 -16.83 -3.24 23.77
N LYS B 330 -15.57 -2.95 23.42
CA LYS B 330 -14.97 -1.65 23.74
C LYS B 330 -15.61 -0.54 22.96
N LEU B 331 -15.92 -0.80 21.69
CA LEU B 331 -16.61 0.18 20.87
C LEU B 331 -18.02 0.46 21.40
N VAL B 332 -18.71 -0.57 21.83
CA VAL B 332 -20.05 -0.39 22.47
C VAL B 332 -19.87 0.47 23.73
N ALA B 333 -18.86 0.16 24.54
CA ALA B 333 -18.62 0.95 25.76
C ALA B 333 -18.31 2.39 25.39
N ASP B 334 -17.54 2.59 24.34
CA ASP B 334 -17.23 3.95 23.88
C ASP B 334 -18.50 4.69 23.43
N PHE B 335 -19.41 4.00 22.74
CA PHE B 335 -20.69 4.57 22.35
C PHE B 335 -21.50 5.00 23.59
N MET B 336 -21.53 4.12 24.58
CA MET B 336 -22.29 4.40 25.83
C MET B 336 -21.68 5.57 26.56
N ALA B 337 -20.39 5.82 26.35
CA ALA B 337 -19.67 6.96 26.94
C ALA B 337 -19.68 8.21 26.04
N LYS B 338 -20.48 8.20 24.98
CA LYS B 338 -20.70 9.32 24.08
C LYS B 338 -19.48 9.74 23.29
N LYS B 339 -18.61 8.78 22.95
CA LYS B 339 -17.38 9.08 22.25
C LYS B 339 -17.57 9.25 20.75
N PHE B 340 -18.67 8.68 20.25
CA PHE B 340 -19.08 8.85 18.86
C PHE B 340 -20.60 8.71 18.79
N ALA B 341 -21.17 9.05 17.65
CA ALA B 341 -22.61 9.02 17.43
C ALA B 341 -22.97 8.02 16.37
N LEU B 342 -24.09 7.34 16.59
CA LEU B 342 -24.62 6.40 15.63
C LEU B 342 -25.90 6.90 14.97
N ASP B 343 -26.69 7.74 15.66
CA ASP B 343 -27.90 8.24 15.10
C ASP B 343 -27.74 8.90 13.73
N PRO B 344 -26.63 9.63 13.48
CA PRO B 344 -26.53 10.23 12.16
C PRO B 344 -26.52 9.22 11.01
N LEU B 345 -26.19 7.96 11.28
CA LEU B 345 -26.14 6.91 10.25
C LEU B 345 -27.51 6.32 9.98
N ILE B 346 -28.44 6.49 10.92
CA ILE B 346 -29.69 5.76 10.87
C ILE B 346 -30.75 6.70 10.29
N THR B 347 -31.19 6.43 9.08
CA THR B 347 -32.20 7.24 8.41
C THR B 347 -33.57 6.63 8.44
N HIS B 348 -33.68 5.32 8.67
CA HIS B 348 -34.93 4.62 8.60
C HIS B 348 -34.88 3.50 9.62
N VAL B 349 -36.03 3.24 10.23
CA VAL B 349 -36.19 2.13 11.14
C VAL B 349 -37.47 1.45 10.72
N LEU B 350 -37.37 0.16 10.38
CA LEU B 350 -38.49 -0.67 9.87
C LEU B 350 -38.56 -1.97 10.59
N PRO B 351 -39.76 -2.56 10.66
CA PRO B 351 -39.82 -3.93 11.10
C PRO B 351 -39.10 -4.83 10.12
N PHE B 352 -38.61 -5.95 10.63
CA PHE B 352 -37.90 -6.92 9.81
C PHE B 352 -38.68 -7.41 8.60
N GLU B 353 -40.02 -7.52 8.73
CA GLU B 353 -40.86 -7.95 7.62
C GLU B 353 -40.74 -7.04 6.42
N LYS B 354 -40.27 -5.78 6.64
CA LYS B 354 -40.13 -4.80 5.55
C LYS B 354 -38.69 -4.79 4.99
N ILE B 355 -38.00 -5.92 5.09
CA ILE B 355 -36.61 -6.00 4.56
C ILE B 355 -36.49 -5.58 3.10
N ASN B 356 -37.39 -6.03 2.21
CA ASN B 356 -37.26 -5.65 0.81
C ASN B 356 -37.40 -4.16 0.60
N GLU B 357 -38.33 -3.53 1.34
CA GLU B 357 -38.49 -2.10 1.30
C GLU B 357 -37.20 -1.41 1.76
N GLY B 358 -36.57 -1.95 2.79
CA GLY B 358 -35.26 -1.46 3.20
C GLY B 358 -34.18 -1.53 2.18
N PHE B 359 -34.12 -2.64 1.46
CA PHE B 359 -33.19 -2.73 0.35
C PHE B 359 -33.52 -1.76 -0.77
N ASP B 360 -34.80 -1.56 -1.08
CA ASP B 360 -35.20 -0.60 -2.10
C ASP B 360 -34.75 0.79 -1.70
N LEU B 361 -34.84 1.12 -0.41
CA LEU B 361 -34.40 2.45 0.05
C LEU B 361 -32.90 2.61 -0.20
N LEU B 362 -32.12 1.57 0.06
CA LEU B 362 -30.69 1.63 -0.18
C LEU B 362 -30.42 1.84 -1.65
N ARG B 363 -31.02 0.99 -2.45
CA ARG B 363 -30.76 0.99 -3.89
C ARG B 363 -31.17 2.29 -4.58
N SER B 364 -32.22 2.93 -4.07
CA SER B 364 -32.68 4.18 -4.66
C SER B 364 -31.85 5.36 -4.31
N GLY B 365 -30.90 5.20 -3.37
CA GLY B 365 -30.13 6.34 -2.92
C GLY B 365 -30.67 7.04 -1.71
N GLU B 366 -31.85 6.67 -1.24
CA GLU B 366 -32.54 7.44 -0.21
C GLU B 366 -32.07 7.22 1.19
N SER B 367 -31.56 6.06 1.54
CA SER B 367 -31.18 5.78 2.94
C SER B 367 -29.67 5.75 3.10
N ILE B 368 -29.28 5.85 4.36
CA ILE B 368 -27.94 5.51 4.79
C ILE B 368 -28.09 4.13 5.39
N ARG B 369 -28.36 4.00 6.68
CA ARG B 369 -28.71 2.74 7.26
C ARG B 369 -30.19 2.71 7.63
N THR B 370 -30.81 1.66 7.12
CA THR B 370 -32.07 1.16 7.66
C THR B 370 -31.74 0.12 8.72
N ILE B 371 -32.37 0.28 9.88
CA ILE B 371 -32.30 -0.71 10.93
C ILE B 371 -33.61 -1.47 10.91
N LEU B 372 -33.49 -2.79 10.79
CA LEU B 372 -34.63 -3.69 10.87
C LEU B 372 -34.77 -4.23 12.25
N THR B 373 -35.99 -4.14 12.80
CA THR B 373 -36.25 -4.56 14.14
C THR B 373 -37.13 -5.79 14.13
N PHE B 374 -36.78 -6.73 14.98
CA PHE B 374 -37.49 -8.00 15.02
C PHE B 374 -38.67 -7.96 15.93
#